data_7ETP
# 
_entry.id   7ETP 
# 
_audit_conform.dict_name       mmcif_pdbx.dic 
_audit_conform.dict_version    5.392 
_audit_conform.dict_location   http://mmcif.pdb.org/dictionaries/ascii/mmcif_pdbx.dic 
# 
loop_
_database_2.database_id 
_database_2.database_code 
_database_2.pdbx_database_accession 
_database_2.pdbx_DOI 
PDB   7ETP         pdb_00007etp 10.2210/pdb7etp/pdb 
WWPDB D_1300022207 ?            ?                   
# 
loop_
_pdbx_audit_revision_history.ordinal 
_pdbx_audit_revision_history.data_content_type 
_pdbx_audit_revision_history.major_revision 
_pdbx_audit_revision_history.minor_revision 
_pdbx_audit_revision_history.revision_date 
1 'Structure model' 1 0 2022-05-18 
2 'Structure model' 1 1 2024-05-29 
# 
_pdbx_audit_revision_details.ordinal             1 
_pdbx_audit_revision_details.revision_ordinal    1 
_pdbx_audit_revision_details.data_content_type   'Structure model' 
_pdbx_audit_revision_details.provider            repository 
_pdbx_audit_revision_details.type                'Initial release' 
_pdbx_audit_revision_details.description         ? 
_pdbx_audit_revision_details.details             ? 
# 
_pdbx_audit_revision_group.ordinal             1 
_pdbx_audit_revision_group.revision_ordinal    2 
_pdbx_audit_revision_group.data_content_type   'Structure model' 
_pdbx_audit_revision_group.group               'Data collection' 
# 
loop_
_pdbx_audit_revision_category.ordinal 
_pdbx_audit_revision_category.revision_ordinal 
_pdbx_audit_revision_category.data_content_type 
_pdbx_audit_revision_category.category 
1 2 'Structure model' chem_comp_atom 
2 2 'Structure model' chem_comp_bond 
# 
_pdbx_database_status.status_code                     REL 
_pdbx_database_status.status_code_sf                  REL 
_pdbx_database_status.status_code_mr                  ? 
_pdbx_database_status.entry_id                        7ETP 
_pdbx_database_status.recvd_initial_deposition_date   2021-05-13 
_pdbx_database_status.SG_entry                        N 
_pdbx_database_status.deposit_site                    PDBJ 
_pdbx_database_status.process_site                    PDBJ 
_pdbx_database_status.status_code_cs                  ? 
_pdbx_database_status.status_code_nmr_data            ? 
_pdbx_database_status.methods_development_category    ? 
_pdbx_database_status.pdb_format_compatible           Y 
# 
_pdbx_database_related.db_name        PDB 
_pdbx_database_related.details        . 
_pdbx_database_related.db_id          7ETN 
_pdbx_database_related.content_type   unspecified 
# 
loop_
_audit_author.name 
_audit_author.pdbx_ordinal 
_audit_author.identifier_ORCID 
'Kurumida, Y.'  1 0000-0003-2696-154X 
'Ikeda, K.'     2 0000-0003-3217-5713 
'Nakamichi, Y.' 3 0000-0001-7089-663X 
'Hirano, A.'    4 0000-0002-4138-0308 
'Kobayashi, K.' 5 0000-0002-2662-2452 
'Saito, Y.'     6 0000-0002-4853-0153 
'Kameda, T.'    7 0000-0001-9508-5366 
# 
_citation.abstract                  ? 
_citation.abstract_id_CAS           ? 
_citation.book_id_ISBN              ? 
_citation.book_publisher            ? 
_citation.book_publisher_city       ? 
_citation.book_title                ? 
_citation.coordinate_linkage        ? 
_citation.country                   ? 
_citation.database_id_Medline       ? 
_citation.details                   ? 
_citation.id                        primary 
_citation.journal_abbrev            'To Be Published' 
_citation.journal_id_ASTM           ? 
_citation.journal_id_CSD            0353 
_citation.journal_id_ISSN           ? 
_citation.journal_full              ? 
_citation.journal_issue             ? 
_citation.journal_volume            ? 
_citation.language                  ? 
_citation.page_first                ? 
_citation.page_last                 ? 
_citation.title                     'Crystal structure of Pro-Phe-Leu-Phe' 
_citation.year                      ? 
_citation.database_id_CSD           ? 
_citation.pdbx_database_id_DOI      ? 
_citation.pdbx_database_id_PubMed   ? 
_citation.pdbx_database_id_patent   ? 
_citation.unpublished_flag          ? 
# 
loop_
_citation_author.citation_id 
_citation_author.name 
_citation_author.ordinal 
_citation_author.identifier_ORCID 
primary 'Kurumida, Y.'  1 0000-0003-2696-154X 
primary 'Ikeda, K.'     2 0000-0003-3217-5713 
primary 'Nakamichi, Y.' 3 0000-0001-7089-663X 
primary 'Hirano, A.'    4 0000-0002-4138-0308 
primary 'Kobayashi, K.' 5 0000-0002-2662-2452 
primary 'Saito, Y.'     6 0000-0002-4853-0153 
primary 'Kameda, T.'    7 0000-0001-9508-5366 
# 
loop_
_entity.id 
_entity.type 
_entity.src_method 
_entity.pdbx_description 
_entity.formula_weight 
_entity.pdbx_number_of_molecules 
_entity.pdbx_ec 
_entity.pdbx_mutation 
_entity.pdbx_fragment 
_entity.details 
1 polymer syn Pro-Phe-Leu-Phe 522.635 3  ? ? ? ? 
2 water   nat water           18.015  10 ? ? ? ? 
# 
_entity_poly.entity_id                      1 
_entity_poly.type                           'polypeptide(L)' 
_entity_poly.nstd_linkage                   no 
_entity_poly.nstd_monomer                   no 
_entity_poly.pdbx_seq_one_letter_code       PFLF 
_entity_poly.pdbx_seq_one_letter_code_can   PFLF 
_entity_poly.pdbx_strand_id                 A,B,C 
_entity_poly.pdbx_target_identifier         ? 
# 
_pdbx_entity_nonpoly.entity_id   2 
_pdbx_entity_nonpoly.name        water 
_pdbx_entity_nonpoly.comp_id     HOH 
# 
loop_
_entity_poly_seq.entity_id 
_entity_poly_seq.num 
_entity_poly_seq.mon_id 
_entity_poly_seq.hetero 
1 1 PRO n 
1 2 PHE n 
1 3 LEU n 
1 4 PHE n 
# 
_pdbx_entity_src_syn.entity_id              1 
_pdbx_entity_src_syn.pdbx_src_id            1 
_pdbx_entity_src_syn.pdbx_alt_source_flag   sample 
_pdbx_entity_src_syn.pdbx_beg_seq_num       1 
_pdbx_entity_src_syn.pdbx_end_seq_num       4 
_pdbx_entity_src_syn.organism_scientific    'synthetic construct' 
_pdbx_entity_src_syn.organism_common_name   ? 
_pdbx_entity_src_syn.ncbi_taxonomy_id       32630 
_pdbx_entity_src_syn.details                ? 
# 
loop_
_chem_comp.id 
_chem_comp.type 
_chem_comp.mon_nstd_flag 
_chem_comp.name 
_chem_comp.pdbx_synonyms 
_chem_comp.formula 
_chem_comp.formula_weight 
HOH non-polymer         . WATER         ? 'H2 O'        18.015  
LEU 'L-peptide linking' y LEUCINE       ? 'C6 H13 N O2' 131.173 
PHE 'L-peptide linking' y PHENYLALANINE ? 'C9 H11 N O2' 165.189 
PRO 'L-peptide linking' y PROLINE       ? 'C5 H9 N O2'  115.130 
# 
loop_
_pdbx_poly_seq_scheme.asym_id 
_pdbx_poly_seq_scheme.entity_id 
_pdbx_poly_seq_scheme.seq_id 
_pdbx_poly_seq_scheme.mon_id 
_pdbx_poly_seq_scheme.ndb_seq_num 
_pdbx_poly_seq_scheme.pdb_seq_num 
_pdbx_poly_seq_scheme.auth_seq_num 
_pdbx_poly_seq_scheme.pdb_mon_id 
_pdbx_poly_seq_scheme.auth_mon_id 
_pdbx_poly_seq_scheme.pdb_strand_id 
_pdbx_poly_seq_scheme.pdb_ins_code 
_pdbx_poly_seq_scheme.hetero 
A 1 1 PRO 1 1  1  PRO PRO A . n 
A 1 2 PHE 2 2  2  PHE PHE A . n 
A 1 3 LEU 3 3  3  LEU LEU A . n 
A 1 4 PHE 4 4  4  PHE PHE A . n 
B 1 1 PRO 1 54 54 PRO PRO B . n 
B 1 2 PHE 2 55 55 PHE PHE B . n 
B 1 3 LEU 3 56 56 LEU LEU B . n 
B 1 4 PHE 4 57 57 PHE PHE B . n 
C 1 1 PRO 1 1  1  PRO PRO C . n 
C 1 2 PHE 2 2  2  PHE PHE C . n 
C 1 3 LEU 3 3  3  LEU LEU C . n 
C 1 4 PHE 4 4  4  PHE PHE C . n 
# 
loop_
_pdbx_nonpoly_scheme.asym_id 
_pdbx_nonpoly_scheme.entity_id 
_pdbx_nonpoly_scheme.mon_id 
_pdbx_nonpoly_scheme.ndb_seq_num 
_pdbx_nonpoly_scheme.pdb_seq_num 
_pdbx_nonpoly_scheme.auth_seq_num 
_pdbx_nonpoly_scheme.pdb_mon_id 
_pdbx_nonpoly_scheme.auth_mon_id 
_pdbx_nonpoly_scheme.pdb_strand_id 
_pdbx_nonpoly_scheme.pdb_ins_code 
D 2 HOH 1 101 4  HOH HOH A . 
E 2 HOH 1 101 1  HOH HOH B . 
E 2 HOH 2 102 8  HOH HOH B . 
E 2 HOH 3 103 10 HOH HOH B . 
F 2 HOH 1 101 7  HOH HOH C . 
F 2 HOH 2 102 6  HOH HOH C . 
F 2 HOH 3 103 3  HOH HOH C . 
F 2 HOH 4 104 2  HOH HOH C . 
F 2 HOH 5 105 5  HOH HOH C . 
F 2 HOH 6 106 9  HOH HOH C . 
# 
loop_
_software.citation_id 
_software.classification 
_software.compiler_name 
_software.compiler_version 
_software.contact_author 
_software.contact_author_email 
_software.date 
_software.description 
_software.dependencies 
_software.hardware 
_software.language 
_software.location 
_software.mods 
_software.name 
_software.os 
_software.os_version 
_software.type 
_software.version 
_software.pdbx_ordinal 
? 'data scaling'   ? ? ? ? ? ? ? ? ? ? ? XSCALE ? ? ? .     1 
? phasing          ? ? ? ? ? ? ? ? ? ? ? PHASER ? ? ? 2.8.3 2 
? refinement       ? ? ? ? ? ? ? ? ? ? ? PHENIX ? ? ? 1.12  3 
? 'model building' ? ? ? ? ? ? ? ? ? ? ? Coot   ? ? ? .     4 
# 
_cell.angle_alpha                  90.000 
_cell.angle_alpha_esd              ? 
_cell.angle_beta                   90.000 
_cell.angle_beta_esd               ? 
_cell.angle_gamma                  90.000 
_cell.angle_gamma_esd              ? 
_cell.entry_id                     7ETP 
_cell.details                      ? 
_cell.formula_units_Z              ? 
_cell.length_a                     9.631 
_cell.length_a_esd                 ? 
_cell.length_b                     23.575 
_cell.length_b_esd                 ? 
_cell.length_c                     42.920 
_cell.length_c_esd                 ? 
_cell.volume                       ? 
_cell.volume_esd                   ? 
_cell.Z_PDB                        12 
_cell.reciprocal_angle_alpha       ? 
_cell.reciprocal_angle_beta        ? 
_cell.reciprocal_angle_gamma       ? 
_cell.reciprocal_angle_alpha_esd   ? 
_cell.reciprocal_angle_beta_esd    ? 
_cell.reciprocal_angle_gamma_esd   ? 
_cell.reciprocal_length_a          ? 
_cell.reciprocal_length_b          ? 
_cell.reciprocal_length_c          ? 
_cell.reciprocal_length_a_esd      ? 
_cell.reciprocal_length_b_esd      ? 
_cell.reciprocal_length_c_esd      ? 
_cell.pdbx_unique_axis             ? 
# 
_symmetry.entry_id                         7ETP 
_symmetry.cell_setting                     ? 
_symmetry.Int_Tables_number                19 
_symmetry.space_group_name_Hall            ? 
_symmetry.space_group_name_H-M             'P 21 21 21' 
_symmetry.pdbx_full_space_group_name_H-M   ? 
# 
_exptl.absorpt_coefficient_mu     ? 
_exptl.absorpt_correction_T_max   ? 
_exptl.absorpt_correction_T_min   ? 
_exptl.absorpt_correction_type    ? 
_exptl.absorpt_process_details    ? 
_exptl.entry_id                   7ETP 
_exptl.crystals_number            1 
_exptl.details                    ? 
_exptl.method                     'X-RAY DIFFRACTION' 
_exptl.method_details             ? 
# 
_exptl_crystal.colour                      ? 
_exptl_crystal.density_diffrn              ? 
_exptl_crystal.density_Matthews            1.55 
_exptl_crystal.density_method              ? 
_exptl_crystal.density_percent_sol         20.84 
_exptl_crystal.description                 ? 
_exptl_crystal.F_000                       ? 
_exptl_crystal.id                          1 
_exptl_crystal.preparation                 ? 
_exptl_crystal.size_max                    ? 
_exptl_crystal.size_mid                    ? 
_exptl_crystal.size_min                    ? 
_exptl_crystal.size_rad                    ? 
_exptl_crystal.colour_lustre               ? 
_exptl_crystal.colour_modifier             ? 
_exptl_crystal.colour_primary              ? 
_exptl_crystal.density_meas                ? 
_exptl_crystal.density_meas_esd            ? 
_exptl_crystal.density_meas_gt             ? 
_exptl_crystal.density_meas_lt             ? 
_exptl_crystal.density_meas_temp           ? 
_exptl_crystal.density_meas_temp_esd       ? 
_exptl_crystal.density_meas_temp_gt        ? 
_exptl_crystal.density_meas_temp_lt        ? 
_exptl_crystal.pdbx_crystal_image_url      ? 
_exptl_crystal.pdbx_crystal_image_format   ? 
_exptl_crystal.pdbx_mosaicity              ? 
_exptl_crystal.pdbx_mosaicity_esd          ? 
# 
_exptl_crystal_grow.apparatus       ? 
_exptl_crystal_grow.atmosphere      ? 
_exptl_crystal_grow.crystal_id      1 
_exptl_crystal_grow.details         ? 
_exptl_crystal_grow.method          'VAPOR DIFFUSION, HANGING DROP' 
_exptl_crystal_grow.method_ref      ? 
_exptl_crystal_grow.pH              7.0 
_exptl_crystal_grow.pressure        ? 
_exptl_crystal_grow.pressure_esd    ? 
_exptl_crystal_grow.seeding         ? 
_exptl_crystal_grow.seeding_ref     ? 
_exptl_crystal_grow.temp            293 
_exptl_crystal_grow.temp_details    ? 
_exptl_crystal_grow.temp_esd        ? 
_exptl_crystal_grow.time            ? 
_exptl_crystal_grow.pdbx_details    '100 mM MOPS, 5 mM EDTA-2Na' 
_exptl_crystal_grow.pdbx_pH_range   ? 
# 
_diffrn.ambient_environment              ? 
_diffrn.ambient_temp                     100 
_diffrn.ambient_temp_details             ? 
_diffrn.ambient_temp_esd                 ? 
_diffrn.crystal_id                       1 
_diffrn.crystal_support                  ? 
_diffrn.crystal_treatment                ? 
_diffrn.details                          ? 
_diffrn.id                               1 
_diffrn.ambient_pressure                 ? 
_diffrn.ambient_pressure_esd             ? 
_diffrn.ambient_pressure_gt              ? 
_diffrn.ambient_pressure_lt              ? 
_diffrn.ambient_temp_gt                  ? 
_diffrn.ambient_temp_lt                  ? 
_diffrn.pdbx_serial_crystal_experiment   N 
# 
_diffrn_detector.details                      ? 
_diffrn_detector.detector                     PIXEL 
_diffrn_detector.diffrn_id                    1 
_diffrn_detector.type                         'DECTRIS EIGER X 16M' 
_diffrn_detector.area_resol_mean              ? 
_diffrn_detector.dtime                        ? 
_diffrn_detector.pdbx_frames_total            ? 
_diffrn_detector.pdbx_collection_time_total   ? 
_diffrn_detector.pdbx_collection_date         2020-02-09 
_diffrn_detector.pdbx_frequency               ? 
# 
_diffrn_radiation.collimation                      ? 
_diffrn_radiation.diffrn_id                        1 
_diffrn_radiation.filter_edge                      ? 
_diffrn_radiation.inhomogeneity                    ? 
_diffrn_radiation.monochromator                    ? 
_diffrn_radiation.polarisn_norm                    ? 
_diffrn_radiation.polarisn_ratio                   ? 
_diffrn_radiation.probe                            ? 
_diffrn_radiation.type                             ? 
_diffrn_radiation.xray_symbol                      ? 
_diffrn_radiation.wavelength_id                    1 
_diffrn_radiation.pdbx_monochromatic_or_laue_m_l   M 
_diffrn_radiation.pdbx_wavelength_list             ? 
_diffrn_radiation.pdbx_wavelength                  ? 
_diffrn_radiation.pdbx_diffrn_protocol             'SINGLE WAVELENGTH' 
_diffrn_radiation.pdbx_analyzer                    ? 
_diffrn_radiation.pdbx_scattering_type             x-ray 
# 
_diffrn_radiation_wavelength.id           1 
_diffrn_radiation_wavelength.wavelength   0.9 
_diffrn_radiation_wavelength.wt           1.0 
# 
_diffrn_source.current                     ? 
_diffrn_source.details                     ? 
_diffrn_source.diffrn_id                   1 
_diffrn_source.power                       ? 
_diffrn_source.size                        ? 
_diffrn_source.source                      SYNCHROTRON 
_diffrn_source.target                      ? 
_diffrn_source.type                        'SPRING-8 BEAMLINE BL44XU' 
_diffrn_source.voltage                     ? 
_diffrn_source.take-off_angle              ? 
_diffrn_source.pdbx_wavelength_list        0.9 
_diffrn_source.pdbx_wavelength             ? 
_diffrn_source.pdbx_synchrotron_beamline   BL44XU 
_diffrn_source.pdbx_synchrotron_site       SPring-8 
# 
_reflns.B_iso_Wilson_estimate                          8.720 
_reflns.entry_id                                       7ETP 
_reflns.data_reduction_details                         ? 
_reflns.data_reduction_method                          ? 
_reflns.d_resolution_high                              1.09488 
_reflns.d_resolution_low                               42.920 
_reflns.details                                        ? 
_reflns.limit_h_max                                    ? 
_reflns.limit_h_min                                    ? 
_reflns.limit_k_max                                    ? 
_reflns.limit_k_min                                    ? 
_reflns.limit_l_max                                    ? 
_reflns.limit_l_min                                    ? 
_reflns.number_all                                     ? 
_reflns.number_obs                                     4389 
_reflns.observed_criterion                             ? 
_reflns.observed_criterion_F_max                       ? 
_reflns.observed_criterion_F_min                       ? 
_reflns.observed_criterion_I_max                       ? 
_reflns.observed_criterion_I_min                       ? 
_reflns.observed_criterion_sigma_F                     ? 
_reflns.observed_criterion_sigma_I                     ? 
_reflns.percent_possible_obs                           99.600 
_reflns.R_free_details                                 ? 
_reflns.Rmerge_F_all                                   ? 
_reflns.Rmerge_F_obs                                   ? 
_reflns.Friedel_coverage                               ? 
_reflns.number_gt                                      ? 
_reflns.threshold_expression                           ? 
_reflns.pdbx_redundancy                                5.925 
_reflns.pdbx_Rmerge_I_obs                              0.102 
_reflns.pdbx_Rmerge_I_all                              ? 
_reflns.pdbx_Rsym_value                                ? 
_reflns.pdbx_netI_over_av_sigmaI                       ? 
_reflns.pdbx_netI_over_sigmaI                          9.530 
_reflns.pdbx_res_netI_over_av_sigmaI_2                 ? 
_reflns.pdbx_res_netI_over_sigmaI_2                    ? 
_reflns.pdbx_chi_squared                               1.089 
_reflns.pdbx_scaling_rejects                           ? 
_reflns.pdbx_d_res_high_opt                            ? 
_reflns.pdbx_d_res_low_opt                             ? 
_reflns.pdbx_d_res_opt_method                          ? 
_reflns.phase_calculation_details                      ? 
_reflns.pdbx_Rrim_I_all                                0.112 
_reflns.pdbx_Rpim_I_all                                ? 
_reflns.pdbx_d_opt                                     ? 
_reflns.pdbx_number_measured_all                       26003 
_reflns.pdbx_diffrn_id                                 1 
_reflns.pdbx_ordinal                                   1 
_reflns.pdbx_CC_half                                   0.997 
_reflns.pdbx_CC_star                                   ? 
_reflns.pdbx_R_split                                   ? 
_reflns.pdbx_aniso_diffraction_limit_axis_1_ortho[1]   ? 
_reflns.pdbx_aniso_diffraction_limit_axis_1_ortho[2]   ? 
_reflns.pdbx_aniso_diffraction_limit_axis_1_ortho[3]   ? 
_reflns.pdbx_aniso_diffraction_limit_axis_2_ortho[1]   ? 
_reflns.pdbx_aniso_diffraction_limit_axis_2_ortho[2]   ? 
_reflns.pdbx_aniso_diffraction_limit_axis_2_ortho[3]   ? 
_reflns.pdbx_aniso_diffraction_limit_axis_3_ortho[1]   ? 
_reflns.pdbx_aniso_diffraction_limit_axis_3_ortho[2]   ? 
_reflns.pdbx_aniso_diffraction_limit_axis_3_ortho[3]   ? 
_reflns.pdbx_aniso_diffraction_limit_1                 ? 
_reflns.pdbx_aniso_diffraction_limit_2                 ? 
_reflns.pdbx_aniso_diffraction_limit_3                 ? 
_reflns.pdbx_aniso_B_tensor_eigenvector_1_ortho[1]     ? 
_reflns.pdbx_aniso_B_tensor_eigenvector_1_ortho[2]     ? 
_reflns.pdbx_aniso_B_tensor_eigenvector_1_ortho[3]     ? 
_reflns.pdbx_aniso_B_tensor_eigenvector_2_ortho[1]     ? 
_reflns.pdbx_aniso_B_tensor_eigenvector_2_ortho[2]     ? 
_reflns.pdbx_aniso_B_tensor_eigenvector_2_ortho[3]     ? 
_reflns.pdbx_aniso_B_tensor_eigenvector_3_ortho[1]     ? 
_reflns.pdbx_aniso_B_tensor_eigenvector_3_ortho[2]     ? 
_reflns.pdbx_aniso_B_tensor_eigenvector_3_ortho[3]     ? 
_reflns.pdbx_aniso_B_tensor_eigenvalue_1               ? 
_reflns.pdbx_aniso_B_tensor_eigenvalue_2               ? 
_reflns.pdbx_aniso_B_tensor_eigenvalue_3               ? 
_reflns.pdbx_orthogonalization_convention              ? 
_reflns.pdbx_percent_possible_ellipsoidal              ? 
_reflns.pdbx_percent_possible_spherical                ? 
_reflns.pdbx_percent_possible_ellipsoidal_anomalous    ? 
_reflns.pdbx_percent_possible_spherical_anomalous      ? 
_reflns.pdbx_redundancy_anomalous                      ? 
_reflns.pdbx_CC_half_anomalous                         ? 
_reflns.pdbx_absDiff_over_sigma_anomalous              ? 
_reflns.pdbx_percent_possible_anomalous                ? 
_reflns.pdbx_observed_signal_threshold                 ? 
_reflns.pdbx_signal_type                               ? 
_reflns.pdbx_signal_details                            ? 
_reflns.pdbx_signal_software_id                        ? 
# 
loop_
_reflns_shell.d_res_high 
_reflns_shell.d_res_low 
_reflns_shell.meanI_over_sigI_all 
_reflns_shell.meanI_over_sigI_obs 
_reflns_shell.number_measured_all 
_reflns_shell.number_measured_obs 
_reflns_shell.number_possible 
_reflns_shell.number_unique_all 
_reflns_shell.number_unique_obs 
_reflns_shell.percent_possible_all 
_reflns_shell.percent_possible_obs 
_reflns_shell.Rmerge_F_all 
_reflns_shell.Rmerge_F_obs 
_reflns_shell.Rmerge_I_all 
_reflns_shell.Rmerge_I_obs 
_reflns_shell.meanI_over_sigI_gt 
_reflns_shell.meanI_over_uI_all 
_reflns_shell.meanI_over_uI_gt 
_reflns_shell.number_measured_gt 
_reflns_shell.number_unique_gt 
_reflns_shell.percent_possible_gt 
_reflns_shell.Rmerge_F_gt 
_reflns_shell.Rmerge_I_gt 
_reflns_shell.pdbx_redundancy 
_reflns_shell.pdbx_Rsym_value 
_reflns_shell.pdbx_chi_squared 
_reflns_shell.pdbx_netI_over_sigmaI_all 
_reflns_shell.pdbx_netI_over_sigmaI_obs 
_reflns_shell.pdbx_Rrim_I_all 
_reflns_shell.pdbx_Rpim_I_all 
_reflns_shell.pdbx_rejects 
_reflns_shell.pdbx_ordinal 
_reflns_shell.pdbx_diffrn_id 
_reflns_shell.pdbx_CC_half 
_reflns_shell.pdbx_CC_star 
_reflns_shell.pdbx_R_split 
_reflns_shell.pdbx_percent_possible_ellipsoidal 
_reflns_shell.pdbx_percent_possible_spherical 
_reflns_shell.pdbx_percent_possible_ellipsoidal_anomalous 
_reflns_shell.pdbx_percent_possible_spherical_anomalous 
_reflns_shell.pdbx_redundancy_anomalous 
_reflns_shell.pdbx_CC_half_anomalous 
_reflns_shell.pdbx_absDiff_over_sigma_anomalous 
_reflns_shell.pdbx_percent_possible_anomalous 
1.090 1.160  ? 1.330  ? 3845 681 ? 670 98.400  ? ? ? ? 1.142 ? ? ? ? ? ? ? ? 5.739 ? ? ? ? 1.258 ? ? 1 1 0.797 ? ? ? ? ? ? ? ? ? ? 
1.160 1.240  ? 2.660  ? 3858 650 ? 647 99.500  ? ? ? ? 0.579 ? ? ? ? ? ? ? ? 5.963 ? ? ? ? 0.636 ? ? 2 1 0.927 ? ? ? ? ? ? ? ? ? ? 
1.240 1.340  ? 3.870  ? 3756 610 ? 610 100.000 ? ? ? ? 0.410 ? ? ? ? ? ? ? ? 6.157 ? ? ? ? 0.449 ? ? 3 1 0.961 ? ? ? ? ? ? ? ? ? ? 
1.340 1.470  ? 5.590  ? 3317 560 ? 560 100.000 ? ? ? ? 0.274 ? ? ? ? ? ? ? ? 5.923 ? ? ? ? 0.301 ? ? 4 1 0.968 ? ? ? ? ? ? ? ? ? ? 
1.470 1.640  ? 9.230  ? 3059 521 ? 519 99.600  ? ? ? ? 0.152 ? ? ? ? ? ? ? ? 5.894 ? ? ? ? 0.167 ? ? 5 1 0.991 ? ? ? ? ? ? ? ? ? ? 
1.640 1.890  ? 14.630 ? 2945 464 ? 464 100.000 ? ? ? ? 0.099 ? ? ? ? ? ? ? ? 6.347 ? ? ? ? 0.108 ? ? 6 1 0.994 ? ? ? ? ? ? ? ? ? ? 
1.890 2.310  ? 21.520 ? 2421 398 ? 396 99.500  ? ? ? ? 0.069 ? ? ? ? ? ? ? ? 6.114 ? ? ? ? 0.076 ? ? 7 1 0.996 ? ? ? ? ? ? ? ? ? ? 
2.310 3.250  ? 23.780 ? 1734 323 ? 322 99.700  ? ? ? ? 0.059 ? ? ? ? ? ? ? ? 5.385 ? ? ? ? 0.066 ? ? 8 1 0.993 ? ? ? ? ? ? ? ? ? ? 
3.250 42.920 ? 29.700 ? 1068 201 ? 201 100.000 ? ? ? ? 0.049 ? ? ? ? ? ? ? ? 5.313 ? ? ? ? 0.054 ? ? 9 1 0.997 ? ? ? ? ? ? ? ? ? ? 
# 
_refine.aniso_B[1][1]                            ? 
_refine.aniso_B[1][2]                            ? 
_refine.aniso_B[1][3]                            ? 
_refine.aniso_B[2][2]                            ? 
_refine.aniso_B[2][3]                            ? 
_refine.aniso_B[3][3]                            ? 
_refine.B_iso_max                                35.580 
_refine.B_iso_mean                               11.40 
_refine.B_iso_min                                7.930 
_refine.correlation_coeff_Fo_to_Fc               ? 
_refine.correlation_coeff_Fo_to_Fc_free          ? 
_refine.details                                  ? 
_refine.diff_density_max                         ? 
_refine.diff_density_max_esd                     ? 
_refine.diff_density_min                         ? 
_refine.diff_density_min_esd                     ? 
_refine.diff_density_rms                         ? 
_refine.diff_density_rms_esd                     ? 
_refine.entry_id                                 7ETP 
_refine.pdbx_refine_id                           'X-RAY DIFFRACTION' 
_refine.ls_abs_structure_details                 ? 
_refine.ls_abs_structure_Flack                   ? 
_refine.ls_abs_structure_Flack_esd               ? 
_refine.ls_abs_structure_Rogers                  ? 
_refine.ls_abs_structure_Rogers_esd              ? 
_refine.ls_d_res_high                            1.09488 
_refine.ls_d_res_low                             21.4600 
_refine.ls_extinction_coef                       ? 
_refine.ls_extinction_coef_esd                   ? 
_refine.ls_extinction_expression                 ? 
_refine.ls_extinction_method                     ? 
_refine.ls_goodness_of_fit_all                   ? 
_refine.ls_goodness_of_fit_all_esd               ? 
_refine.ls_goodness_of_fit_obs                   ? 
_refine.ls_goodness_of_fit_obs_esd               ? 
_refine.ls_hydrogen_treatment                    ? 
_refine.ls_matrix_type                           ? 
_refine.ls_number_constraints                    ? 
_refine.ls_number_parameters                     ? 
_refine.ls_number_reflns_all                     ? 
_refine.ls_number_reflns_obs                     4366 
_refine.ls_number_reflns_R_free                  218 
_refine.ls_number_reflns_R_work                  4148 
_refine.ls_number_restraints                     ? 
_refine.ls_percent_reflns_obs                    99.0500 
_refine.ls_percent_reflns_R_free                 4.9900 
_refine.ls_R_factor_all                          ? 
_refine.ls_R_factor_obs                          0.1582 
_refine.ls_R_factor_R_free                       0.1716 
_refine.ls_R_factor_R_free_error                 ? 
_refine.ls_R_factor_R_free_error_details         ? 
_refine.ls_R_factor_R_work                       0.1575 
_refine.ls_R_Fsqd_factor_obs                     ? 
_refine.ls_R_I_factor_obs                        ? 
_refine.ls_redundancy_reflns_all                 ? 
_refine.ls_redundancy_reflns_obs                 ? 
_refine.ls_restrained_S_all                      ? 
_refine.ls_restrained_S_obs                      ? 
_refine.ls_shift_over_esd_max                    ? 
_refine.ls_shift_over_esd_mean                   ? 
_refine.ls_structure_factor_coef                 ? 
_refine.ls_weighting_details                     ? 
_refine.ls_weighting_scheme                      ? 
_refine.ls_wR_factor_all                         ? 
_refine.ls_wR_factor_obs                         ? 
_refine.ls_wR_factor_R_free                      ? 
_refine.ls_wR_factor_R_work                      ? 
_refine.occupancy_max                            ? 
_refine.occupancy_min                            ? 
_refine.solvent_model_details                    'FLAT BULK SOLVENT MODEL' 
_refine.solvent_model_param_bsol                 ? 
_refine.solvent_model_param_ksol                 ? 
_refine.pdbx_R_complete                          ? 
_refine.ls_R_factor_gt                           ? 
_refine.ls_goodness_of_fit_gt                    ? 
_refine.ls_goodness_of_fit_ref                   ? 
_refine.ls_shift_over_su_max                     ? 
_refine.ls_shift_over_su_max_lt                  ? 
_refine.ls_shift_over_su_mean                    ? 
_refine.ls_shift_over_su_mean_lt                 ? 
_refine.pdbx_ls_sigma_I                          ? 
_refine.pdbx_ls_sigma_F                          1.350 
_refine.pdbx_ls_sigma_Fsqd                       ? 
_refine.pdbx_data_cutoff_high_absF               ? 
_refine.pdbx_data_cutoff_high_rms_absF           ? 
_refine.pdbx_data_cutoff_low_absF                ? 
_refine.pdbx_isotropic_thermal_model             ? 
_refine.pdbx_ls_cross_valid_method               THROUGHOUT 
_refine.pdbx_method_to_determine_struct          'MOLECULAR REPLACEMENT' 
_refine.pdbx_starting_model                      ? 
_refine.pdbx_stereochemistry_target_values       ML 
_refine.pdbx_R_Free_selection_details            ? 
_refine.pdbx_stereochem_target_val_spec_case     ? 
_refine.pdbx_overall_ESU_R                       ? 
_refine.pdbx_overall_ESU_R_Free                  ? 
_refine.pdbx_solvent_vdw_probe_radii             1.1100 
_refine.pdbx_solvent_ion_probe_radii             ? 
_refine.pdbx_solvent_shrinkage_radii             0.9000 
_refine.pdbx_real_space_R                        ? 
_refine.pdbx_density_correlation                 ? 
_refine.pdbx_pd_number_of_powder_patterns        ? 
_refine.pdbx_pd_number_of_points                 ? 
_refine.pdbx_pd_meas_number_of_points            ? 
_refine.pdbx_pd_proc_ls_prof_R_factor            ? 
_refine.pdbx_pd_proc_ls_prof_wR_factor           ? 
_refine.pdbx_pd_Marquardt_correlation_coeff      ? 
_refine.pdbx_pd_Fsqrd_R_factor                   ? 
_refine.pdbx_pd_ls_matrix_band_width             ? 
_refine.pdbx_overall_phase_error                 17.3800 
_refine.pdbx_overall_SU_R_free_Cruickshank_DPI   ? 
_refine.pdbx_overall_SU_R_free_Blow_DPI          ? 
_refine.pdbx_overall_SU_R_Blow_DPI               ? 
_refine.pdbx_TLS_residual_ADP_flag               ? 
_refine.pdbx_diffrn_id                           1 
_refine.overall_SU_B                             ? 
_refine.overall_SU_ML                            0.1400 
_refine.overall_SU_R_Cruickshank_DPI             ? 
_refine.overall_SU_R_free                        ? 
_refine.overall_FOM_free_R_set                   ? 
_refine.overall_FOM_work_R_set                   ? 
_refine.pdbx_average_fsc_overall                 ? 
_refine.pdbx_average_fsc_work                    ? 
_refine.pdbx_average_fsc_free                    ? 
# 
_refine_hist.pdbx_refine_id                   'X-RAY DIFFRACTION' 
_refine_hist.cycle_id                         final 
_refine_hist.details                          ? 
_refine_hist.d_res_high                       1.09488 
_refine_hist.d_res_low                        21.4600 
_refine_hist.number_atoms_solvent             10 
_refine_hist.number_atoms_total               124 
_refine_hist.number_reflns_all                ? 
_refine_hist.number_reflns_obs                ? 
_refine_hist.number_reflns_R_free             ? 
_refine_hist.number_reflns_R_work             ? 
_refine_hist.R_factor_all                     ? 
_refine_hist.R_factor_obs                     ? 
_refine_hist.R_factor_R_free                  ? 
_refine_hist.R_factor_R_work                  ? 
_refine_hist.pdbx_number_residues_total       12 
_refine_hist.pdbx_B_iso_mean_ligand           ? 
_refine_hist.pdbx_B_iso_mean_solvent          25.66 
_refine_hist.pdbx_number_atoms_protein        114 
_refine_hist.pdbx_number_atoms_nucleic_acid   0 
_refine_hist.pdbx_number_atoms_ligand         0 
_refine_hist.pdbx_number_atoms_lipid          ? 
_refine_hist.pdbx_number_atoms_carb           ? 
_refine_hist.pdbx_pseudo_atom_details         ? 
# 
loop_
_refine_ls_restr.pdbx_refine_id 
_refine_ls_restr.criterion 
_refine_ls_restr.dev_ideal 
_refine_ls_restr.dev_ideal_target 
_refine_ls_restr.number 
_refine_ls_restr.rejects 
_refine_ls_restr.type 
_refine_ls_restr.weight 
_refine_ls_restr.pdbx_restraint_function 
'X-RAY DIFFRACTION' ? 0.009  ? 129 ? f_bond_d           ? ? 
'X-RAY DIFFRACTION' ? 1.224  ? 173 ? f_angle_d          ? ? 
'X-RAY DIFFRACTION' ? 1.246  ? 17  ? f_chiral_restr     ? ? 
'X-RAY DIFFRACTION' ? 0.006  ? 20  ? f_plane_restr      ? ? 
'X-RAY DIFFRACTION' ? 14.830 ? 43  ? f_dihedral_angle_d ? ? 
# 
loop_
_refine_ls_shell.pdbx_refine_id 
_refine_ls_shell.d_res_high 
_refine_ls_shell.d_res_low 
_refine_ls_shell.number_reflns_all 
_refine_ls_shell.number_reflns_obs 
_refine_ls_shell.number_reflns_R_free 
_refine_ls_shell.number_reflns_R_work 
_refine_ls_shell.percent_reflns_obs 
_refine_ls_shell.percent_reflns_R_free 
_refine_ls_shell.R_factor_all 
_refine_ls_shell.R_factor_obs 
_refine_ls_shell.R_factor_R_free 
_refine_ls_shell.R_factor_R_free_error 
_refine_ls_shell.R_factor_R_work 
_refine_ls_shell.redundancy_reflns_all 
_refine_ls_shell.redundancy_reflns_obs 
_refine_ls_shell.wR_factor_all 
_refine_ls_shell.wR_factor_obs 
_refine_ls_shell.wR_factor_R_free 
_refine_ls_shell.wR_factor_R_work 
_refine_ls_shell.pdbx_R_complete 
_refine_ls_shell.pdbx_total_number_of_bins_used 
_refine_ls_shell.pdbx_phase_error 
_refine_ls_shell.pdbx_fsc_work 
_refine_ls_shell.pdbx_fsc_free 
'X-RAY DIFFRACTION' 1.09 1.14  . . 25 476 97  . . . 0.4981 . 0.3708 . . . . . . . . . . . 
'X-RAY DIFFRACTION' 1.14 1.21  . . 26 521 98  . . . 0.4701 . 0.3467 . . . . . . . . . . . 
'X-RAY DIFFRACTION' 1.21 1.28  . . 26 485 99  . . . 0.2817 . 0.2472 . . . . . . . . . . . 
'X-RAY DIFFRACTION' 1.28 1.38  . . 28 532 100 . . . 0.1803 . 0.2002 . . . . . . . . . . . 
'X-RAY DIFFRACTION' 1.38 1.52  . . 26 501 100 . . . 0.1732 . 0.1773 . . . . . . . . . . . 
'X-RAY DIFFRACTION' 1.52 1.74  . . 28 514 99  . . . 0.1380 . 0.1501 . . . . . . . . . . . 
'X-RAY DIFFRACTION' 1.74 2.19  . . 28 535 100 . . . 0.1372 . 0.1173 . . . . . . . . . . . 
'X-RAY DIFFRACTION' 2.19 21.46 . . 31 584 100 . . . 0.1262 . 0.1125 . . . . . . . . . . . 
# 
_struct.entry_id                     7ETP 
_struct.title                        'Crystal structure of Pro-Phe-Leu-Phe' 
_struct.pdbx_model_details           ? 
_struct.pdbx_formula_weight          ? 
_struct.pdbx_formula_weight_method   ? 
_struct.pdbx_model_type_details      ? 
_struct.pdbx_CASP_flag               N 
# 
_struct_keywords.entry_id        7ETP 
_struct_keywords.text            'Synthetic peptide, UNKNOWN FUNCTION' 
_struct_keywords.pdbx_keywords   'UNKNOWN FUNCTION' 
# 
loop_
_struct_asym.id 
_struct_asym.pdbx_blank_PDB_chainid_flag 
_struct_asym.pdbx_modified 
_struct_asym.entity_id 
_struct_asym.details 
A N N 1 ? 
B N N 1 ? 
C N N 1 ? 
D N N 2 ? 
E N N 2 ? 
F N N 2 ? 
# 
_struct_ref.id                         1 
_struct_ref.db_name                    PDB 
_struct_ref.db_code                    7ETP 
_struct_ref.pdbx_db_accession          7ETP 
_struct_ref.pdbx_db_isoform            ? 
_struct_ref.entity_id                  1 
_struct_ref.pdbx_seq_one_letter_code   ? 
_struct_ref.pdbx_align_begin           1 
# 
loop_
_struct_ref_seq.align_id 
_struct_ref_seq.ref_id 
_struct_ref_seq.pdbx_PDB_id_code 
_struct_ref_seq.pdbx_strand_id 
_struct_ref_seq.seq_align_beg 
_struct_ref_seq.pdbx_seq_align_beg_ins_code 
_struct_ref_seq.seq_align_end 
_struct_ref_seq.pdbx_seq_align_end_ins_code 
_struct_ref_seq.pdbx_db_accession 
_struct_ref_seq.db_align_beg 
_struct_ref_seq.pdbx_db_align_beg_ins_code 
_struct_ref_seq.db_align_end 
_struct_ref_seq.pdbx_db_align_end_ins_code 
_struct_ref_seq.pdbx_auth_seq_align_beg 
_struct_ref_seq.pdbx_auth_seq_align_end 
1 1 7ETP A 1 ? 4 ? 7ETP 1  ? 4  ? 1  4  
2 1 7ETP B 1 ? 4 ? 7ETP 54 ? 57 ? 54 57 
3 1 7ETP C 1 ? 4 ? 7ETP 1  ? 4  ? 1  4  
# 
loop_
_pdbx_struct_assembly.id 
_pdbx_struct_assembly.details 
_pdbx_struct_assembly.method_details 
_pdbx_struct_assembly.oligomeric_details 
_pdbx_struct_assembly.oligomeric_count 
1 author_defined_assembly ? monomeric 1 
2 author_defined_assembly ? monomeric 1 
3 author_defined_assembly ? monomeric 1 
# 
loop_
_pdbx_struct_assembly_gen.assembly_id 
_pdbx_struct_assembly_gen.oper_expression 
_pdbx_struct_assembly_gen.asym_id_list 
1 1 A,D 
2 1 B,E 
3 1 C,F 
# 
_pdbx_struct_assembly_auth_evidence.id                     1 
_pdbx_struct_assembly_auth_evidence.assembly_id            1 
_pdbx_struct_assembly_auth_evidence.experimental_support   none 
_pdbx_struct_assembly_auth_evidence.details                ? 
# 
_pdbx_struct_oper_list.id                   1 
_pdbx_struct_oper_list.type                 'identity operation' 
_pdbx_struct_oper_list.name                 1_555 
_pdbx_struct_oper_list.symmetry_operation   x,y,z 
_pdbx_struct_oper_list.matrix[1][1]         1.0000000000 
_pdbx_struct_oper_list.matrix[1][2]         0.0000000000 
_pdbx_struct_oper_list.matrix[1][3]         0.0000000000 
_pdbx_struct_oper_list.vector[1]            0.0000000000 
_pdbx_struct_oper_list.matrix[2][1]         0.0000000000 
_pdbx_struct_oper_list.matrix[2][2]         1.0000000000 
_pdbx_struct_oper_list.matrix[2][3]         0.0000000000 
_pdbx_struct_oper_list.vector[2]            0.0000000000 
_pdbx_struct_oper_list.matrix[3][1]         0.0000000000 
_pdbx_struct_oper_list.matrix[3][2]         0.0000000000 
_pdbx_struct_oper_list.matrix[3][3]         1.0000000000 
_pdbx_struct_oper_list.vector[3]            0.0000000000 
# 
_struct_sheet.id               AA1 
_struct_sheet.type             ? 
_struct_sheet.number_strands   2 
_struct_sheet.details          ? 
# 
_struct_sheet_order.sheet_id     AA1 
_struct_sheet_order.range_id_1   1 
_struct_sheet_order.range_id_2   2 
_struct_sheet_order.offset       ? 
_struct_sheet_order.sense        anti-parallel 
# 
loop_
_struct_sheet_range.sheet_id 
_struct_sheet_range.id 
_struct_sheet_range.beg_label_comp_id 
_struct_sheet_range.beg_label_asym_id 
_struct_sheet_range.beg_label_seq_id 
_struct_sheet_range.pdbx_beg_PDB_ins_code 
_struct_sheet_range.end_label_comp_id 
_struct_sheet_range.end_label_asym_id 
_struct_sheet_range.end_label_seq_id 
_struct_sheet_range.pdbx_end_PDB_ins_code 
_struct_sheet_range.beg_auth_comp_id 
_struct_sheet_range.beg_auth_asym_id 
_struct_sheet_range.beg_auth_seq_id 
_struct_sheet_range.end_auth_comp_id 
_struct_sheet_range.end_auth_asym_id 
_struct_sheet_range.end_auth_seq_id 
AA1 1 PHE A 2 ? LEU A 3 ? PHE A 2  LEU A 3  
AA1 2 PHE B 2 ? LEU B 3 ? PHE B 55 LEU B 56 
# 
_pdbx_struct_sheet_hbond.sheet_id                AA1 
_pdbx_struct_sheet_hbond.range_id_1              1 
_pdbx_struct_sheet_hbond.range_id_2              2 
_pdbx_struct_sheet_hbond.range_1_label_atom_id   N 
_pdbx_struct_sheet_hbond.range_1_label_comp_id   LEU 
_pdbx_struct_sheet_hbond.range_1_label_asym_id   A 
_pdbx_struct_sheet_hbond.range_1_label_seq_id    3 
_pdbx_struct_sheet_hbond.range_1_PDB_ins_code    ? 
_pdbx_struct_sheet_hbond.range_1_auth_atom_id    N 
_pdbx_struct_sheet_hbond.range_1_auth_comp_id    LEU 
_pdbx_struct_sheet_hbond.range_1_auth_asym_id    A 
_pdbx_struct_sheet_hbond.range_1_auth_seq_id     3 
_pdbx_struct_sheet_hbond.range_2_label_atom_id   O 
_pdbx_struct_sheet_hbond.range_2_label_comp_id   PHE 
_pdbx_struct_sheet_hbond.range_2_label_asym_id   B 
_pdbx_struct_sheet_hbond.range_2_label_seq_id    2 
_pdbx_struct_sheet_hbond.range_2_PDB_ins_code    ? 
_pdbx_struct_sheet_hbond.range_2_auth_atom_id    O 
_pdbx_struct_sheet_hbond.range_2_auth_comp_id    PHE 
_pdbx_struct_sheet_hbond.range_2_auth_asym_id    B 
_pdbx_struct_sheet_hbond.range_2_auth_seq_id     55 
# 
_pdbx_refine_tls.id               1 
_pdbx_refine_tls.pdbx_refine_id   'X-RAY DIFFRACTION' 
_pdbx_refine_tls.details          ? 
_pdbx_refine_tls.method           refined 
_pdbx_refine_tls.origin_x         0.3653 
_pdbx_refine_tls.origin_y         -0.7457 
_pdbx_refine_tls.origin_z         0.4788 
_pdbx_refine_tls.T[1][1]          0.0927 
_pdbx_refine_tls.T[1][1]_esd      ? 
_pdbx_refine_tls.T[1][2]          0.0045 
_pdbx_refine_tls.T[1][2]_esd      ? 
_pdbx_refine_tls.T[1][3]          0.0073 
_pdbx_refine_tls.T[1][3]_esd      ? 
_pdbx_refine_tls.T[2][2]          0.0757 
_pdbx_refine_tls.T[2][2]_esd      ? 
_pdbx_refine_tls.T[2][3]          -0.0044 
_pdbx_refine_tls.T[2][3]_esd      ? 
_pdbx_refine_tls.T[3][3]          0.0764 
_pdbx_refine_tls.T[3][3]_esd      ? 
_pdbx_refine_tls.L[1][1]          5.4380 
_pdbx_refine_tls.L[1][1]_esd      ? 
_pdbx_refine_tls.L[1][2]          1.2864 
_pdbx_refine_tls.L[1][2]_esd      ? 
_pdbx_refine_tls.L[1][3]          0.5844 
_pdbx_refine_tls.L[1][3]_esd      ? 
_pdbx_refine_tls.L[2][2]          2.1576 
_pdbx_refine_tls.L[2][2]_esd      ? 
_pdbx_refine_tls.L[2][3]          0.3502 
_pdbx_refine_tls.L[2][3]_esd      ? 
_pdbx_refine_tls.L[3][3]          1.9928 
_pdbx_refine_tls.L[3][3]_esd      ? 
_pdbx_refine_tls.S[1][1]          0.0259 
_pdbx_refine_tls.S[1][1]_esd      ? 
_pdbx_refine_tls.S[1][2]          -0.0110 
_pdbx_refine_tls.S[1][2]_esd      ? 
_pdbx_refine_tls.S[1][3]          -0.0751 
_pdbx_refine_tls.S[1][3]_esd      ? 
_pdbx_refine_tls.S[2][1]          0.0403 
_pdbx_refine_tls.S[2][1]_esd      ? 
_pdbx_refine_tls.S[2][2]          -0.0087 
_pdbx_refine_tls.S[2][2]_esd      ? 
_pdbx_refine_tls.S[2][3]          0.0053 
_pdbx_refine_tls.S[2][3]_esd      ? 
_pdbx_refine_tls.S[3][1]          0.0069 
_pdbx_refine_tls.S[3][1]_esd      ? 
_pdbx_refine_tls.S[3][2]          0.0074 
_pdbx_refine_tls.S[3][2]_esd      ? 
_pdbx_refine_tls.S[3][3]          -0.0147 
_pdbx_refine_tls.S[3][3]_esd      ? 
# 
_pdbx_refine_tls_group.id                  1 
_pdbx_refine_tls_group.pdbx_refine_id      'X-RAY DIFFRACTION' 
_pdbx_refine_tls_group.refine_tls_id       1 
_pdbx_refine_tls_group.beg_label_asym_id   ? 
_pdbx_refine_tls_group.beg_label_seq_id    ? 
_pdbx_refine_tls_group.beg_auth_asym_id    ? 
_pdbx_refine_tls_group.beg_auth_seq_id     ? 
_pdbx_refine_tls_group.beg_PDB_ins_code    ? 
_pdbx_refine_tls_group.end_label_asym_id   ? 
_pdbx_refine_tls_group.end_label_seq_id    ? 
_pdbx_refine_tls_group.end_auth_asym_id    ? 
_pdbx_refine_tls_group.end_auth_seq_id     ? 
_pdbx_refine_tls_group.end_PDB_ins_code    ? 
_pdbx_refine_tls_group.selection           ? 
_pdbx_refine_tls_group.selection_details   all 
# 
_pdbx_phasing_MR.entry_id                     7ETP 
_pdbx_phasing_MR.method_rotation              ? 
_pdbx_phasing_MR.method_translation           ? 
_pdbx_phasing_MR.model_details                'Phaser MODE: MR_AUTO' 
_pdbx_phasing_MR.R_factor                     ? 
_pdbx_phasing_MR.R_rigid_body                 ? 
_pdbx_phasing_MR.correlation_coeff_Fo_to_Fc   ? 
_pdbx_phasing_MR.correlation_coeff_Io_to_Ic   ? 
_pdbx_phasing_MR.d_res_high_rotation          1.400 
_pdbx_phasing_MR.d_res_low_rotation           20.650 
_pdbx_phasing_MR.d_res_high_translation       1.400 
_pdbx_phasing_MR.d_res_low_translation        20.650 
_pdbx_phasing_MR.packing                      ? 
_pdbx_phasing_MR.reflns_percent_rotation      ? 
_pdbx_phasing_MR.reflns_percent_translation   ? 
_pdbx_phasing_MR.sigma_F_rotation             ? 
_pdbx_phasing_MR.sigma_F_translation          ? 
_pdbx_phasing_MR.sigma_I_rotation             ? 
_pdbx_phasing_MR.sigma_I_translation          ? 
# 
_phasing.method   MR 
# 
_pdbx_distant_solvent_atoms.id                                1 
_pdbx_distant_solvent_atoms.PDB_model_num                     1 
_pdbx_distant_solvent_atoms.auth_atom_id                      O 
_pdbx_distant_solvent_atoms.label_alt_id                      ? 
_pdbx_distant_solvent_atoms.auth_asym_id                      B 
_pdbx_distant_solvent_atoms.auth_comp_id                      HOH 
_pdbx_distant_solvent_atoms.auth_seq_id                       103 
_pdbx_distant_solvent_atoms.PDB_ins_code                      ? 
_pdbx_distant_solvent_atoms.neighbor_macromolecule_distance   6.34 
_pdbx_distant_solvent_atoms.neighbor_ligand_distance          . 
# 
loop_
_chem_comp_atom.comp_id 
_chem_comp_atom.atom_id 
_chem_comp_atom.type_symbol 
_chem_comp_atom.pdbx_aromatic_flag 
_chem_comp_atom.pdbx_stereo_config 
_chem_comp_atom.pdbx_ordinal 
HOH O    O N N 1  
HOH H1   H N N 2  
HOH H2   H N N 3  
LEU N    N N N 4  
LEU CA   C N S 5  
LEU C    C N N 6  
LEU O    O N N 7  
LEU CB   C N N 8  
LEU CG   C N N 9  
LEU CD1  C N N 10 
LEU CD2  C N N 11 
LEU OXT  O N N 12 
LEU H    H N N 13 
LEU H2   H N N 14 
LEU HA   H N N 15 
LEU HB2  H N N 16 
LEU HB3  H N N 17 
LEU HG   H N N 18 
LEU HD11 H N N 19 
LEU HD12 H N N 20 
LEU HD13 H N N 21 
LEU HD21 H N N 22 
LEU HD22 H N N 23 
LEU HD23 H N N 24 
LEU HXT  H N N 25 
PHE N    N N N 26 
PHE CA   C N S 27 
PHE C    C N N 28 
PHE O    O N N 29 
PHE CB   C N N 30 
PHE CG   C Y N 31 
PHE CD1  C Y N 32 
PHE CD2  C Y N 33 
PHE CE1  C Y N 34 
PHE CE2  C Y N 35 
PHE CZ   C Y N 36 
PHE OXT  O N N 37 
PHE H    H N N 38 
PHE H2   H N N 39 
PHE HA   H N N 40 
PHE HB2  H N N 41 
PHE HB3  H N N 42 
PHE HD1  H N N 43 
PHE HD2  H N N 44 
PHE HE1  H N N 45 
PHE HE2  H N N 46 
PHE HZ   H N N 47 
PHE HXT  H N N 48 
PRO N    N N N 49 
PRO CA   C N S 50 
PRO C    C N N 51 
PRO O    O N N 52 
PRO CB   C N N 53 
PRO CG   C N N 54 
PRO CD   C N N 55 
PRO OXT  O N N 56 
PRO H    H N N 57 
PRO HA   H N N 58 
PRO HB2  H N N 59 
PRO HB3  H N N 60 
PRO HG2  H N N 61 
PRO HG3  H N N 62 
PRO HD2  H N N 63 
PRO HD3  H N N 64 
PRO HXT  H N N 65 
# 
loop_
_chem_comp_bond.comp_id 
_chem_comp_bond.atom_id_1 
_chem_comp_bond.atom_id_2 
_chem_comp_bond.value_order 
_chem_comp_bond.pdbx_aromatic_flag 
_chem_comp_bond.pdbx_stereo_config 
_chem_comp_bond.pdbx_ordinal 
HOH O   H1   sing N N 1  
HOH O   H2   sing N N 2  
LEU N   CA   sing N N 3  
LEU N   H    sing N N 4  
LEU N   H2   sing N N 5  
LEU CA  C    sing N N 6  
LEU CA  CB   sing N N 7  
LEU CA  HA   sing N N 8  
LEU C   O    doub N N 9  
LEU C   OXT  sing N N 10 
LEU CB  CG   sing N N 11 
LEU CB  HB2  sing N N 12 
LEU CB  HB3  sing N N 13 
LEU CG  CD1  sing N N 14 
LEU CG  CD2  sing N N 15 
LEU CG  HG   sing N N 16 
LEU CD1 HD11 sing N N 17 
LEU CD1 HD12 sing N N 18 
LEU CD1 HD13 sing N N 19 
LEU CD2 HD21 sing N N 20 
LEU CD2 HD22 sing N N 21 
LEU CD2 HD23 sing N N 22 
LEU OXT HXT  sing N N 23 
PHE N   CA   sing N N 24 
PHE N   H    sing N N 25 
PHE N   H2   sing N N 26 
PHE CA  C    sing N N 27 
PHE CA  CB   sing N N 28 
PHE CA  HA   sing N N 29 
PHE C   O    doub N N 30 
PHE C   OXT  sing N N 31 
PHE CB  CG   sing N N 32 
PHE CB  HB2  sing N N 33 
PHE CB  HB3  sing N N 34 
PHE CG  CD1  doub Y N 35 
PHE CG  CD2  sing Y N 36 
PHE CD1 CE1  sing Y N 37 
PHE CD1 HD1  sing N N 38 
PHE CD2 CE2  doub Y N 39 
PHE CD2 HD2  sing N N 40 
PHE CE1 CZ   doub Y N 41 
PHE CE1 HE1  sing N N 42 
PHE CE2 CZ   sing Y N 43 
PHE CE2 HE2  sing N N 44 
PHE CZ  HZ   sing N N 45 
PHE OXT HXT  sing N N 46 
PRO N   CA   sing N N 47 
PRO N   CD   sing N N 48 
PRO N   H    sing N N 49 
PRO CA  C    sing N N 50 
PRO CA  CB   sing N N 51 
PRO CA  HA   sing N N 52 
PRO C   O    doub N N 53 
PRO C   OXT  sing N N 54 
PRO CB  CG   sing N N 55 
PRO CB  HB2  sing N N 56 
PRO CB  HB3  sing N N 57 
PRO CG  CD   sing N N 58 
PRO CG  HG2  sing N N 59 
PRO CG  HG3  sing N N 60 
PRO CD  HD2  sing N N 61 
PRO CD  HD3  sing N N 62 
PRO OXT HXT  sing N N 63 
# 
_atom_sites.entry_id                    7ETP 
_atom_sites.Cartn_transf_matrix[1][1]   ? 
_atom_sites.Cartn_transf_matrix[1][2]   ? 
_atom_sites.Cartn_transf_matrix[1][3]   ? 
_atom_sites.Cartn_transf_matrix[2][1]   ? 
_atom_sites.Cartn_transf_matrix[2][2]   ? 
_atom_sites.Cartn_transf_matrix[2][3]   ? 
_atom_sites.Cartn_transf_matrix[3][1]   ? 
_atom_sites.Cartn_transf_matrix[3][2]   ? 
_atom_sites.Cartn_transf_matrix[3][3]   ? 
_atom_sites.Cartn_transf_vector[1]      ? 
_atom_sites.Cartn_transf_vector[2]      ? 
_atom_sites.Cartn_transf_vector[3]      ? 
_atom_sites.fract_transf_matrix[1][1]   -0.01836678 
_atom_sites.fract_transf_matrix[1][2]   -0.04372968 
_atom_sites.fract_transf_matrix[1][3]   -0.09236478 
_atom_sites.fract_transf_matrix[2][1]   -0.02263112 
_atom_sites.fract_transf_matrix[2][2]   0.03395731 
_atom_sites.fract_transf_matrix[2][3]   -0.01157672 
_atom_sites.fract_transf_matrix[3][1]   0.01927011 
_atom_sites.fract_transf_matrix[3][2]   0.00993309 
_atom_sites.fract_transf_matrix[3][3]   -0.00853464 
_atom_sites.fract_transf_vector[1]      -0.019368 
_atom_sites.fract_transf_vector[2]      -0.119674 
_atom_sites.fract_transf_vector[3]      -0.172882 
_atom_sites.solution_primary            ? 
_atom_sites.solution_secondary          ? 
_atom_sites.solution_hydrogens          ? 
_atom_sites.special_details             ? 
# 
loop_
_atom_type.symbol 
C 
H 
N 
O 
# 
loop_
_atom_site.group_PDB 
_atom_site.id 
_atom_site.type_symbol 
_atom_site.label_atom_id 
_atom_site.label_alt_id 
_atom_site.label_comp_id 
_atom_site.label_asym_id 
_atom_site.label_entity_id 
_atom_site.label_seq_id 
_atom_site.pdbx_PDB_ins_code 
_atom_site.Cartn_x 
_atom_site.Cartn_y 
_atom_site.Cartn_z 
_atom_site.occupancy 
_atom_site.B_iso_or_equiv 
_atom_site.pdbx_formal_charge 
_atom_site.auth_seq_id 
_atom_site.auth_comp_id 
_atom_site.auth_asym_id 
_atom_site.auth_atom_id 
_atom_site.pdbx_PDB_model_num 
ATOM   1   N N    . PRO A 1 1 ? -5.029 -6.969 0.416  1.00 9.47  ? 1   PRO A N    1 
ATOM   2   C CA   . PRO A 1 1 ? -5.187 -6.153 -0.804 1.00 8.92  ? 1   PRO A CA   1 
ATOM   3   C C    . PRO A 1 1 ? -4.373 -4.875 -0.698 1.00 8.88  ? 1   PRO A C    1 
ATOM   4   O O    . PRO A 1 1 ? -4.205 -4.345 0.406  1.00 8.69  ? 1   PRO A O    1 
ATOM   5   C CB   . PRO A 1 1 ? -6.698 -5.869 -0.855 1.00 9.84  ? 1   PRO A CB   1 
ATOM   6   C CG   . PRO A 1 1 ? -7.304 -7.030 -0.102 1.00 11.05 ? 1   PRO A CG   1 
ATOM   7   C CD   . PRO A 1 1 ? -6.335 -7.273 1.030  1.00 10.75 ? 1   PRO A CD   1 
ATOM   8   H H2   . PRO A 1 1 ? -4.842 -6.395 1.163  1.00 11.34 ? 1   PRO A H2   1 
ATOM   9   H H3   . PRO A 1 1 ? -4.466 -7.746 0.461  1.00 11.34 ? 1   PRO A H3   1 
ATOM   10  H HA   . PRO A 1 1 ? -4.918 -6.655 -1.589 1.00 10.67 ? 1   PRO A HA   1 
ATOM   11  H HB2  . PRO A 1 1 ? -6.892 -5.028 -0.412 1.00 11.82 ? 1   PRO A HB2  1 
ATOM   12  H HB3  . PRO A 1 1 ? -7.002 -5.856 -1.777 1.00 11.82 ? 1   PRO A HB3  1 
ATOM   13  H HG2  . PRO A 1 1 ? -8.179 -6.782 0.237  1.00 13.26 ? 1   PRO A HG2  1 
ATOM   14  H HG3  . PRO A 1 1 ? -7.363 -7.806 -0.681 1.00 13.26 ? 1   PRO A HG3  1 
ATOM   15  H HD2  . PRO A 1 1 ? -6.513 -6.668 1.767  1.00 12.90 ? 1   PRO A HD2  1 
ATOM   16  H HD3  . PRO A 1 1 ? -6.370 -8.201 1.313  1.00 12.90 ? 1   PRO A HD3  1 
ATOM   17  N N    . PHE A 1 2 ? -3.885 -4.413 -1.842 1.00 9.22  ? 2   PHE A N    1 
ATOM   18  C CA   . PHE A 1 2 ? -3.139 -3.135 -1.917 1.00 8.25  ? 2   PHE A CA   1 
ATOM   19  C C    . PHE A 1 2 ? -3.907 -2.199 -2.850 1.00 8.82  ? 2   PHE A C    1 
ATOM   20  O O    . PHE A 1 2 ? -4.174 -2.564 -4.012 1.00 9.31  ? 2   PHE A O    1 
ATOM   21  C CB   . PHE A 1 2 ? -1.756 -3.363 -2.528 1.00 9.99  ? 2   PHE A CB   1 
ATOM   22  C CG   . PHE A 1 2 ? -0.661 -3.799 -1.583 1.00 9.84  ? 2   PHE A CG   1 
ATOM   23  C CD1  . PHE A 1 2 ? -0.944 -4.401 -0.362 1.00 9.08  ? 2   PHE A CD1  1 
ATOM   24  C CD2  . PHE A 1 2 ? 0.670  -3.630 -1.940 1.00 11.05 ? 2   PHE A CD2  1 
ATOM   25  C CE1  . PHE A 1 2 ? 0.080  -4.791 0.488  1.00 9.93  ? 2   PHE A CE1  1 
ATOM   26  C CE2  . PHE A 1 2 ? 1.691  -4.025 -1.090 1.00 11.22 ? 2   PHE A CE2  1 
ATOM   27  C CZ   . PHE A 1 2 ? 1.397  -4.605 0.126  1.00 10.88 ? 2   PHE A CZ   1 
ATOM   28  H H    . PHE A 1 2 ? -3.967 -4.813 -2.599 1.00 11.08 ? 2   PHE A H    1 
ATOM   29  H HA   . PHE A 1 2 ? -3.054 -2.729 -1.041 1.00 9.91  ? 2   PHE A HA   1 
ATOM   30  H HB2  . PHE A 1 2 ? -1.835 -4.047 -3.211 1.00 12.00 ? 2   PHE A HB2  1 
ATOM   31  H HB3  . PHE A 1 2 ? -1.466 -2.533 -2.939 1.00 12.00 ? 2   PHE A HB3  1 
ATOM   32  H HD1  . PHE A 1 2 ? -1.829 -4.525 -0.104 1.00 10.90 ? 2   PHE A HD1  1 
ATOM   33  H HD2  . PHE A 1 2 ? 0.879  -3.232 -2.755 1.00 13.26 ? 2   PHE A HD2  1 
ATOM   34  H HE1  . PHE A 1 2 ? -0.122 -5.186 1.305  1.00 11.92 ? 2   PHE A HE1  1 
ATOM   35  H HE2  . PHE A 1 2 ? 2.578  -3.898 -1.340 1.00 13.47 ? 2   PHE A HE2  1 
ATOM   36  H HZ   . PHE A 1 2 ? 2.081  -4.874 0.694  1.00 13.06 ? 2   PHE A HZ   1 
ATOM   37  N N    A LEU A 1 3 ? -4.251 -1.020 -2.338 0.73 8.36  ? 3   LEU A N    1 
ATOM   38  N N    B LEU A 1 3 ? -4.253 -1.016 -2.337 0.27 8.32  ? 3   LEU A N    1 
ATOM   39  C CA   A LEU A 1 3 ? -4.944 0.022  -3.140 0.73 8.54  ? 3   LEU A CA   1 
ATOM   40  C CA   B LEU A 1 3 ? -4.957 0.032  -3.123 0.27 8.68  ? 3   LEU A CA   1 
ATOM   41  C C    A LEU A 1 3 ? -4.019 1.238  -3.196 0.73 8.71  ? 3   LEU A C    1 
ATOM   42  C C    B LEU A 1 3 ? -4.037 1.253  -3.190 0.27 8.74  ? 3   LEU A C    1 
ATOM   43  O O    A LEU A 1 3 ? -3.603 1.728  -2.134 0.73 9.02  ? 3   LEU A O    1 
ATOM   44  O O    B LEU A 1 3 ? -3.596 1.724  -2.128 0.27 8.79  ? 3   LEU A O    1 
ATOM   45  C CB   A LEU A 1 3 ? -6.273 0.364  -2.461 0.73 9.48  ? 3   LEU A CB   1 
ATOM   46  C CB   B LEU A 1 3 ? -6.267 0.388  -2.414 0.27 9.59  ? 3   LEU A CB   1 
ATOM   47  C CG   A LEU A 1 3 ? -7.033 1.561  -3.034 0.73 11.61 ? 3   LEU A CG   1 
ATOM   48  C CG   B LEU A 1 3 ? -7.130 1.460  -3.082 0.27 11.82 ? 3   LEU A CG   1 
ATOM   49  C CD1  A LEU A 1 3 ? -7.200 1.486  -4.545 0.73 12.69 ? 3   LEU A CD1  1 
ATOM   50  C CD1  B LEU A 1 3 ? -8.458 1.592  -2.357 0.27 13.74 ? 3   LEU A CD1  1 
ATOM   51  C CD2  A LEU A 1 3 ? -8.382 1.701  -2.349 0.73 13.96 ? 3   LEU A CD2  1 
ATOM   52  C CD2  B LEU A 1 3 ? -6.437 2.811  -3.110 0.27 11.77 ? 3   LEU A CD2  1 
ATOM   53  H H    A LEU A 1 3 ? -4.100 -0.787 -1.524 0.73 10.04 ? 3   LEU A H    1 
ATOM   54  H H    B LEU A 1 3 ? -4.094 -0.784 -1.524 0.27 9.99  ? 3   LEU A H    1 
ATOM   55  H HA   A LEU A 1 3 ? -5.113 -0.298 -4.040 0.73 10.26 ? 3   LEU A HA   1 
ATOM   56  H HA   B LEU A 1 3 ? -5.147 -0.283 -4.021 0.27 10.42 ? 3   LEU A HA   1 
ATOM   57  H HB2  A LEU A 1 3 ? -6.857 -0.407 -2.528 0.73 11.39 ? 3   LEU A HB2  1 
ATOM   58  H HB2  B LEU A 1 3 ? -6.806 -0.416 -2.350 0.27 11.52 ? 3   LEU A HB2  1 
ATOM   59  H HB3  A LEU A 1 3 ? -6.097 0.554  -1.526 0.73 11.39 ? 3   LEU A HB3  1 
ATOM   60  H HB3  B LEU A 1 3 ? -6.055 0.704  -1.522 0.27 11.52 ? 3   LEU A HB3  1 
ATOM   61  H HG   A LEU A 1 3 ? -6.527 2.366  -2.840 0.73 13.94 ? 3   LEU A HG   1 
ATOM   62  H HG   B LEU A 1 3 ? -7.312 1.196  -3.997 0.27 14.19 ? 3   LEU A HG   1 
ATOM   63  H HD11 A LEU A 1 3 ? -7.741 2.236  -4.838 0.73 15.24 ? 3   LEU A HD11 1 
ATOM   64  H HD11 B LEU A 1 3 ? -9.012 2.236  -2.827 0.27 16.49 ? 3   LEU A HD11 1 
ATOM   65  H HD12 A LEU A 1 3 ? -6.326 1.526  -4.963 0.73 15.24 ? 3   LEU A HD12 1 
ATOM   66  H HD12 B LEU A 1 3 ? -8.896 0.727  -2.343 0.27 16.49 ? 3   LEU A HD12 1 
ATOM   67  H HD13 A LEU A 1 3 ? -7.640 0.653  -4.773 0.73 15.24 ? 3   LEU A HD13 1 
ATOM   68  H HD13 B LEU A 1 3 ? -8.293 1.895  -1.451 0.27 16.49 ? 3   LEU A HD13 1 
ATOM   69  H HD21 A LEU A 1 3 ? -8.848 2.464  -2.723 0.73 16.76 ? 3   LEU A HD21 1 
ATOM   70  H HD21 B LEU A 1 3 ? -7.113 3.506  -3.096 0.27 14.13 ? 3   LEU A HD21 1 
ATOM   71  H HD22 A LEU A 1 3 ? -8.896 0.892  -2.497 0.73 16.76 ? 3   LEU A HD22 1 
ATOM   72  H HD22 B LEU A 1 3 ? -5.869 2.896  -2.329 0.27 14.13 ? 3   LEU A HD22 1 
ATOM   73  H HD23 A LEU A 1 3 ? -8.240 1.833  -1.398 0.73 16.76 ? 3   LEU A HD23 1 
ATOM   74  H HD23 B LEU A 1 3 ? -5.913 2.886  -3.922 0.27 14.13 ? 3   LEU A HD23 1 
ATOM   75  N N    . PHE A 1 4 ? -3.689 1.688  -4.397 1.00 8.93  ? 4   PHE A N    1 
ATOM   76  C CA   . PHE A 1 4 ? -2.793 2.861  -4.549 1.00 9.50  ? 4   PHE A CA   1 
ATOM   77  C C    . PHE A 1 4 ? -3.024 3.493  -5.919 1.00 10.07 ? 4   PHE A C    1 
ATOM   78  O O    . PHE A 1 4 ? -2.257 4.368  -6.271 1.00 11.57 ? 4   PHE A O    1 
ATOM   79  C CB   . PHE A 1 4 ? -1.329 2.485  -4.290 1.00 9.28  ? 4   PHE A CB   1 
ATOM   80  C CG   . PHE A 1 4 ? -0.758 1.381  -5.148 1.00 9.81  ? 4   PHE A CG   1 
ATOM   81  C CD1  . PHE A 1 4 ? -0.973 0.049  -4.825 1.00 10.57 ? 4   PHE A CD1  1 
ATOM   82  C CD2  . PHE A 1 4 ? 0.027  1.676  -6.252 1.00 11.31 ? 4   PHE A CD2  1 
ATOM   83  C CE1  . PHE A 1 4 ? -0.426 -0.965 -5.594 1.00 11.28 ? 4   PHE A CE1  1 
ATOM   84  C CE2  . PHE A 1 4 ? 0.578  0.659  -7.017 1.00 11.63 ? 4   PHE A CE2  1 
ATOM   85  C CZ   . PHE A 1 4 ? 0.345  -0.658 -6.690 1.00 11.52 ? 4   PHE A CZ   1 
ATOM   86  O OXT  . PHE A 1 4 ? -3.975 3.089  -6.591 1.00 10.56 ? 4   PHE A OXT  1 
ATOM   87  H H    A PHE A 1 4 ? -3.958 1.347  -5.139 0.73 10.73 ? 4   PHE A H    1 
ATOM   88  H H    B PHE A 1 4 ? -3.947 1.337  -5.139 0.27 10.73 ? 4   PHE A H    1 
ATOM   89  H HA   . PHE A 1 4 ? -3.041 3.521  -3.883 1.00 11.41 ? 4   PHE A HA   1 
ATOM   90  H HB2  . PHE A 1 4 ? -0.782 3.274  -4.435 1.00 11.14 ? 4   PHE A HB2  1 
ATOM   91  H HB3  . PHE A 1 4 ? -1.247 2.203  -3.366 1.00 11.14 ? 4   PHE A HB3  1 
ATOM   92  H HD1  . PHE A 1 4 ? -1.492 -0.166 -4.083 1.00 12.69 ? 4   PHE A HD1  1 
ATOM   93  H HD2  . PHE A 1 4 ? 0.192  2.563  -6.477 1.00 13.58 ? 4   PHE A HD2  1 
ATOM   94  H HE1  . PHE A 1 4 ? -0.584 -1.855 -5.372 1.00 13.54 ? 4   PHE A HE1  1 
ATOM   95  H HE2  . PHE A 1 4 ? 1.096  0.867  -7.761 1.00 13.96 ? 4   PHE A HE2  1 
ATOM   96  H HZ   . PHE A 1 4 ? 0.708  -1.338 -7.211 1.00 13.83 ? 4   PHE A HZ   1 
ATOM   97  N N    . PRO B 1 1 ? -1.977 5.336  -0.137 1.00 9.48  ? 54  PRO B N    1 
ATOM   98  C CA   . PRO B 1 1 ? -2.242 3.907  -0.291 1.00 8.72  ? 54  PRO B CA   1 
ATOM   99  C C    . PRO B 1 1 ? -2.959 3.350  0.913  1.00 7.94  ? 54  PRO B C    1 
ATOM   100 O O    . PRO B 1 1 ? -2.906 3.922  2.003  1.00 9.32  ? 54  PRO B O    1 
ATOM   101 C CB   . PRO B 1 1 ? -0.833 3.308  -0.414 1.00 9.07  ? 54  PRO B CB   1 
ATOM   102 C CG   . PRO B 1 1 ? -0.080 4.367  -1.142 1.00 10.59 ? 54  PRO B CG   1 
ATOM   103 C CD   . PRO B 1 1 ? -0.608 5.673  -0.582 1.00 10.48 ? 54  PRO B CD   1 
ATOM   104 H HA   . PRO B 1 1 ? -2.751 3.735  -1.097 1.00 10.47 ? 54  PRO B HA   1 
ATOM   105 H HB2  . PRO B 1 1 ? -0.457 3.155  0.467  1.00 10.89 ? 54  PRO B HB2  1 
ATOM   106 H HB3  . PRO B 1 1 ? -0.864 2.486  -0.928 1.00 10.89 ? 54  PRO B HB3  1 
ATOM   107 H HG2  . PRO B 1 1 ? 0.869  4.276  -0.965 1.00 12.71 ? 54  PRO B HG2  1 
ATOM   108 H HG3  . PRO B 1 1 ? -0.260 4.303  -2.093 1.00 12.71 ? 54  PRO B HG3  1 
ATOM   109 H HD2  . PRO B 1 1 ? -0.069 5.959  0.173  1.00 12.59 ? 54  PRO B HD2  1 
ATOM   110 H HD3  . PRO B 1 1 ? -0.636 6.351  -1.276 1.00 12.59 ? 54  PRO B HD3  1 
ATOM   111 N N    . PHE B 1 2 ? -3.648 2.230  0.711  1.00 8.27  ? 55  PHE B N    1 
ATOM   112 C CA   . PHE B 1 2 ? -4.244 1.458  1.793  1.00 8.23  ? 55  PHE B CA   1 
ATOM   113 C C    . PHE B 1 2 ? -3.783 0.023  1.586  1.00 7.93  ? 55  PHE B C    1 
ATOM   114 O O    . PHE B 1 2 ? -4.136 -0.609 0.579  1.00 8.85  ? 55  PHE B O    1 
ATOM   115 C CB   . PHE B 1 2 ? -5.780 1.574  1.795  1.00 9.16  ? 55  PHE B CB   1 
ATOM   116 C CG   . PHE B 1 2 ? -6.408 1.032  3.050  1.00 9.96  ? 55  PHE B CG   1 
ATOM   117 C CD1  . PHE B 1 2 ? -6.651 -0.324 3.187  1.00 11.14 ? 55  PHE B CD1  1 
ATOM   118 C CD2  . PHE B 1 2 ? -6.700 1.868  4.120  1.00 11.78 ? 55  PHE B CD2  1 
ATOM   119 C CE1  . PHE B 1 2 ? -7.208 -0.837 4.355  1.00 11.69 ? 55  PHE B CE1  1 
ATOM   120 C CE2  . PHE B 1 2 ? -7.261 1.357  5.279  1.00 12.70 ? 55  PHE B CE2  1 
ATOM   121 C CZ   . PHE B 1 2 ? -7.509 0.003  5.403  1.00 11.91 ? 55  PHE B CZ   1 
ATOM   122 H H    . PHE B 1 2 ? -3.786 1.889  -0.067 1.00 9.93  ? 55  PHE B H    1 
ATOM   123 H HA   . PHE B 1 2 ? -3.908 1.774  2.646  1.00 9.88  ? 55  PHE B HA   1 
ATOM   124 H HB2  . PHE B 1 2 ? -6.025 2.509  1.717  1.00 10.99 ? 55  PHE B HB2  1 
ATOM   125 H HB3  . PHE B 1 2 ? -6.135 1.074  1.043  1.00 10.99 ? 55  PHE B HB3  1 
ATOM   126 H HD1  . PHE B 1 2 ? -6.450 -0.900 2.484  1.00 13.37 ? 55  PHE B HD1  1 
ATOM   127 H HD2  . PHE B 1 2 ? -6.537 2.780  4.050  1.00 14.15 ? 55  PHE B HD2  1 
ATOM   128 H HE1  . PHE B 1 2 ? -7.377 -1.749 4.428  1.00 14.03 ? 55  PHE B HE1  1 
ATOM   129 H HE2  . PHE B 1 2 ? -7.461 1.929  5.985  1.00 15.25 ? 55  PHE B HE2  1 
ATOM   130 H HZ   . PHE B 1 2 ? -7.886 -0.336 6.184  1.00 14.30 ? 55  PHE B HZ   1 
ATOM   131 N N    . LEU B 1 3 ? -2.968 -0.475 2.518  1.00 8.28  ? 56  LEU B N    1 
ATOM   132 C CA   . LEU B 1 3 ? -2.307 -1.768 2.391  1.00 8.15  ? 56  LEU B CA   1 
ATOM   133 C C    . LEU B 1 3 ? -2.762 -2.662 3.537  1.00 8.74  ? 56  LEU B C    1 
ATOM   134 O O    . LEU B 1 3 ? -2.651 -2.265 4.700  1.00 9.47  ? 56  LEU B O    1 
ATOM   135 C CB   . LEU B 1 3 ? -0.786 -1.593 2.480  1.00 9.13  ? 56  LEU B CB   1 
ATOM   136 C CG   . LEU B 1 3 ? -0.172 -0.489 1.611  1.00 10.16 ? 56  LEU B CG   1 
ATOM   137 C CD1  . LEU B 1 3 ? 1.346  -0.505 1.752  1.00 10.57 ? 56  LEU B CD1  1 
ATOM   138 C CD2  . LEU B 1 3 ? -0.560 -0.629 0.135  1.00 9.89  ? 56  LEU B CD2  1 
ATOM   139 H H    . LEU B 1 3 ? -2.780 -0.068 3.252  1.00 9.94  ? 56  LEU B H    1 
ATOM   140 H HA   . LEU B 1 3 ? -2.535 -2.186 1.546  1.00 9.79  ? 56  LEU B HA   1 
ATOM   141 H HB2  . LEU B 1 3 ? -0.557 -1.394 3.402  1.00 10.97 ? 56  LEU B HB2  1 
ATOM   142 H HB3  . LEU B 1 3 ? -0.369 -2.429 2.220  1.00 10.97 ? 56  LEU B HB3  1 
ATOM   143 H HG   . LEU B 1 3 ? -0.491 0.371  1.924  1.00 12.19 ? 56  LEU B HG   1 
ATOM   144 H HD11 . LEU B 1 3 ? 1.722  0.197  1.197  1.00 12.70 ? 56  LEU B HD11 1 
ATOM   145 H HD12 . LEU B 1 3 ? 1.578  -0.354 2.681  1.00 12.70 ? 56  LEU B HD12 1 
ATOM   146 H HD13 . LEU B 1 3 ? 1.680  -1.369 1.463  1.00 12.70 ? 56  LEU B HD13 1 
ATOM   147 H HD21 . LEU B 1 3 ? -0.167 0.105  -0.363 1.00 11.88 ? 56  LEU B HD21 1 
ATOM   148 H HD22 . LEU B 1 3 ? -0.222 -1.473 -0.199 1.00 11.88 ? 56  LEU B HD22 1 
ATOM   149 H HD23 . LEU B 1 3 ? -1.526 -0.603 0.056  1.00 11.88 ? 56  LEU B HD23 1 
ATOM   150 N N    . PHE B 1 4 ? -3.243 -3.869 3.228  1.00 9.17  ? 57  PHE B N    1 
ATOM   151 C CA   . PHE B 1 4 ? -3.620 -4.819 4.274  1.00 9.67  ? 57  PHE B CA   1 
ATOM   152 C C    . PHE B 1 4 ? -3.666 -6.237 3.729  1.00 9.75  ? 57  PHE B C    1 
ATOM   153 O O    . PHE B 1 4 ? -3.981 -7.170 4.472  1.00 11.34 ? 57  PHE B O    1 
ATOM   154 C CB   . PHE B 1 4 ? -4.943 -4.449 4.957  1.00 10.53 ? 57  PHE B CB   1 
ATOM   155 C CG   . PHE B 1 4 ? -6.163 -4.581 4.084  1.00 10.39 ? 57  PHE B CG   1 
ATOM   156 C CD1  . PHE B 1 4 ? -6.315 -3.804 2.937  1.00 10.17 ? 57  PHE B CD1  1 
ATOM   157 C CD2  . PHE B 1 4 ? -7.183 -5.440 4.445  1.00 11.79 ? 57  PHE B CD2  1 
ATOM   158 C CE1  . PHE B 1 4 ? -7.468 -3.906 2.155  1.00 11.03 ? 57  PHE B CE1  1 
ATOM   159 C CE2  . PHE B 1 4 ? -8.333 -5.543 3.673  1.00 12.99 ? 57  PHE B CE2  1 
ATOM   160 C CZ   . PHE B 1 4 ? -8.471 -4.783 2.526  1.00 11.43 ? 57  PHE B CZ   1 
ATOM   161 O OXT  . PHE B 1 4 ? -3.338 -6.418 2.543  1.00 9.73  ? 57  PHE B OXT  1 
ATOM   162 H H    . PHE B 1 4 ? -3.359 -4.158 2.427  1.00 11.01 ? 57  PHE B H    1 
ATOM   163 H HA   . PHE B 1 4 ? -2.933 -4.799 4.958  1.00 11.62 ? 57  PHE B HA   1 
ATOM   164 H HB2  . PHE B 1 4 ? -5.067 -5.030 5.724  1.00 12.64 ? 57  PHE B HB2  1 
ATOM   165 H HB3  . PHE B 1 4 ? -4.891 -3.526 5.252  1.00 12.64 ? 57  PHE B HB3  1 
ATOM   166 H HD1  . PHE B 1 4 ? -5.641 -3.214 2.689  1.00 12.21 ? 57  PHE B HD1  1 
ATOM   167 H HD2  . PHE B 1 4 ? -7.100 -5.954 5.216  1.00 14.15 ? 57  PHE B HD2  1 
ATOM   168 H HE1  . PHE B 1 4 ? -7.556 -3.393 1.385  1.00 13.25 ? 57  PHE B HE1  1 
ATOM   169 H HE2  . PHE B 1 4 ? -9.007 -6.135 3.920  1.00 15.59 ? 57  PHE B HE2  1 
ATOM   170 H HZ   . PHE B 1 4 ? -9.239 -4.859 2.007  1.00 13.72 ? 57  PHE B HZ   1 
ATOM   171 N N    . PRO C 1 1 ? 5.475  7.259  -0.147 1.00 10.61 ? 1   PRO C N    1 
ATOM   172 C CA   . PRO C 1 1 ? 6.082  6.000  -0.579 1.00 9.06  ? 1   PRO C CA   1 
ATOM   173 C C    . PRO C 1 1 ? 6.427  5.139  0.621  1.00 9.10  ? 1   PRO C C    1 
ATOM   174 O O    . PRO C 1 1 ? 6.491  5.649  1.748  1.00 9.64  ? 1   PRO C O    1 
ATOM   175 C CB   . PRO C 1 1 ? 7.353  6.455  -1.308 1.00 11.39 ? 1   PRO C CB   1 
ATOM   176 C CG   . PRO C 1 1 ? 7.029  7.791  -1.824 1.00 14.81 ? 1   PRO C CG   1 
ATOM   177 C CD   . PRO C 1 1 ? 6.002  8.410  -0.908 1.00 13.08 ? 1   PRO C CD   1 
ATOM   178 H H2   . PRO C 1 1 ? 5.835  7.511  0.707  1.00 12.74 ? 1   PRO C H2   1 
ATOM   179 H H3   . PRO C 1 1 ? 4.517  7.307  -0.117 1.00 12.74 ? 1   PRO C H3   1 
ATOM   180 H HA   . PRO C 1 1 ? 5.499  5.518  -1.186 1.00 10.84 ? 1   PRO C HA   1 
ATOM   181 H HB2  . PRO C 1 1 ? 8.092  6.496  -0.682 1.00 13.68 ? 1   PRO C HB2  1 
ATOM   182 H HB3  . PRO C 1 1 ? 7.550  5.844  -2.035 1.00 13.68 ? 1   PRO C HB3  1 
ATOM   183 H HG2  . PRO C 1 1 ? 7.834  8.332  -1.844 1.00 17.78 ? 1   PRO C HG2  1 
ATOM   184 H HG3  . PRO C 1 1 ? 6.667  7.694  -2.713 1.00 17.78 ? 1   PRO C HG3  1 
ATOM   185 H HD2  . PRO C 1 1 ? 6.423  9.047  -0.310 1.00 15.71 ? 1   PRO C HD2  1 
ATOM   186 H HD3  . PRO C 1 1 ? 5.294  8.824  -1.427 1.00 15.71 ? 1   PRO C HD3  1 
ATOM   187 N N    . PHE C 1 2 ? 6.649  3.851  0.389  1.00 8.22  ? 2   PHE C N    1 
ATOM   188 C CA   . PHE C 1 2 ? 6.954  2.923  1.467  1.00 8.30  ? 2   PHE C CA   1 
ATOM   189 C C    . PHE C 1 2 ? 7.989  1.929  0.970  1.00 8.26  ? 2   PHE C C    1 
ATOM   190 O O    . PHE C 1 2 ? 7.748  1.195  -0.004 1.00 8.50  ? 2   PHE C O    1 
ATOM   191 C CB   . PHE C 1 2 ? 5.668  2.225  1.927  1.00 9.12  ? 2   PHE C CB   1 
ATOM   192 C CG   . PHE C 1 2 ? 5.842  1.296  3.101  1.00 9.65  ? 2   PHE C CG   1 
ATOM   193 C CD1  . PHE C 1 2 ? 6.706  1.605  4.156  1.00 9.88  ? 2   PHE C CD1  1 
ATOM   194 C CD2  . PHE C 1 2 ? 5.142  0.091  3.157  1.00 11.94 ? 2   PHE C CD2  1 
ATOM   195 C CE1  . PHE C 1 2 ? 6.847  0.716  5.235  1.00 10.65 ? 2   PHE C CE1  1 
ATOM   196 C CE2  . PHE C 1 2 ? 5.298  -0.784 4.241  1.00 12.23 ? 2   PHE C CE2  1 
ATOM   197 C CZ   . PHE C 1 2 ? 6.137  -0.465 5.258  1.00 11.63 ? 2   PHE C CZ   1 
ATOM   198 H H    . PHE C 1 2 ? 6.627  3.487  -0.391 1.00 9.87  ? 2   PHE C H    1 
ATOM   199 H HA   . PHE C 1 2 ? 7.330  3.411  2.216  1.00 9.96  ? 2   PHE C HA   1 
ATOM   200 H HB2  . PHE C 1 2 ? 5.022  2.902  2.182  1.00 10.95 ? 2   PHE C HB2  1 
ATOM   201 H HB3  . PHE C 1 2 ? 5.318  1.702  1.188  1.00 10.95 ? 2   PHE C HB3  1 
ATOM   202 H HD1  . PHE C 1 2 ? 7.186  2.401  4.146  1.00 11.86 ? 2   PHE C HD1  1 
ATOM   203 H HD2  . PHE C 1 2 ? 4.564  -0.135 2.465  1.00 14.33 ? 2   PHE C HD2  1 
ATOM   204 H HE1  . PHE C 1 2 ? 7.420  0.925  5.936  1.00 12.79 ? 2   PHE C HE1  1 
ATOM   205 H HE2  . PHE C 1 2 ? 4.822  -1.583 4.265  1.00 14.68 ? 2   PHE C HE2  1 
ATOM   206 H HZ   . PHE C 1 2 ? 6.236  -1.049 5.975  1.00 13.96 ? 2   PHE C HZ   1 
ATOM   207 N N    . LEU C 1 3 ? 9.147  1.937  1.621  1.00 8.79  ? 3   LEU C N    1 
ATOM   208 C CA   . LEU C 1 3 ? 10.218 0.997  1.332  1.00 9.38  ? 3   LEU C CA   1 
ATOM   209 C C    . LEU C 1 3 ? 10.266 -0.021 2.460  1.00 9.69  ? 3   LEU C C    1 
ATOM   210 O O    . LEU C 1 3 ? 10.336 0.358  3.637  1.00 9.98  ? 3   LEU C O    1 
ATOM   211 C CB   . LEU C 1 3 ? 11.546 1.751  1.239  1.00 10.35 ? 3   LEU C CB   1 
ATOM   212 C CG   . LEU C 1 3 ? 12.763 0.883  0.921  1.00 12.27 ? 3   LEU C CG   1 
ATOM   213 C CD1  . LEU C 1 3 ? 12.651 0.314  -0.467 1.00 14.31 ? 3   LEU C CD1  1 
ATOM   214 C CD2  . LEU C 1 3 ? 14.054 1.682  1.071  1.00 14.02 ? 3   LEU C CD2  1 
ATOM   215 H H    . LEU C 1 3 ? 9.338  2.493  2.249  1.00 10.51 ? 3   LEU C H    1 
ATOM   216 H HA   . LEU C 1 3 ? 10.049 0.540  0.494  1.00 11.23 ? 3   LEU C HA   1 
ATOM   217 H HB2  . LEU C 1 3 ? 11.473 2.420  0.540  1.00 12.43 ? 3   LEU C HB2  1 
ATOM   218 H HB3  . LEU C 1 3 ? 11.713 2.187  2.090  1.00 12.43 ? 3   LEU C HB3  1 
ATOM   219 H HG   . LEU C 1 3 ? 12.798 0.143  1.546  1.00 14.73 ? 3   LEU C HG   1 
ATOM   220 H HD11 . LEU C 1 3 ? 13.498 -0.088 -0.709 1.00 17.17 ? 3   LEU C HD11 1 
ATOM   221 H HD12 . LEU C 1 3 ? 11.950 -0.356 -0.479 1.00 17.17 ? 3   LEU C HD12 1 
ATOM   222 H HD13 . LEU C 1 3 ? 12.437 1.030  -1.085 1.00 17.17 ? 3   LEU C HD13 1 
ATOM   223 H HD21 . LEU C 1 3 ? 14.806 1.105  0.869  1.00 16.83 ? 3   LEU C HD21 1 
ATOM   224 H HD22 . LEU C 1 3 ? 14.034 2.431  0.455  1.00 16.83 ? 3   LEU C HD22 1 
ATOM   225 H HD23 . LEU C 1 3 ? 14.120 2.005  1.983  1.00 16.83 ? 3   LEU C HD23 1 
ATOM   226 N N    . PHE C 1 4 ? 10.212 -1.300 2.119  1.00 9.95  ? 4   PHE C N    1 
ATOM   227 C CA   . PHE C 1 4 ? 10.179 -2.326 3.146  1.00 11.37 ? 4   PHE C CA   1 
ATOM   228 C C    . PHE C 1 4 ? 10.798 -3.627 2.680  1.00 12.91 ? 4   PHE C C    1 
ATOM   229 O O    . PHE C 1 4 ? 10.709 -4.638 3.391  1.00 13.63 ? 4   PHE C O    1 
ATOM   230 C CB   . PHE C 1 4 ? 8.754  -2.512 3.683  1.00 11.19 ? 4   PHE C CB   1 
ATOM   231 C CG   . PHE C 1 4 ? 7.731  -3.011 2.668  1.00 11.48 ? 4   PHE C CG   1 
ATOM   232 C CD1  . PHE C 1 4 ? 7.203  -2.167 1.685  1.00 11.84 ? 4   PHE C CD1  1 
ATOM   233 C CD2  . PHE C 1 4 ? 7.242  -4.306 2.747  1.00 13.57 ? 4   PHE C CD2  1 
ATOM   234 C CE1  . PHE C 1 4 ? 6.221  -2.614 0.791  1.00 12.64 ? 4   PHE C CE1  1 
ATOM   235 C CE2  . PHE C 1 4 ? 6.275  -4.761 1.849  1.00 14.36 ? 4   PHE C CE2  1 
ATOM   236 C CZ   . PHE C 1 4 ? 5.770  -3.915 0.872  1.00 14.04 ? 4   PHE C CZ   1 
ATOM   237 O OXT  . PHE C 1 4 ? 11.407 -3.669 1.602  1.00 13.25 ? 4   PHE C OXT  1 
ATOM   238 H H    . PHE C 1 4 ? 10.195 -1.596 1.311  1.00 11.91 ? 4   PHE C H    1 
ATOM   239 H HA   . PHE C 1 4 ? 10.718 -2.017 3.890  1.00 13.65 ? 4   PHE C HA   1 
ATOM   240 H HB2  . PHE C 1 4 ? 8.780  -3.155 4.408  1.00 13.43 ? 4   PHE C HB2  1 
ATOM   241 H HB3  . PHE C 1 4 ? 8.438  -1.659 4.018  1.00 13.43 ? 4   PHE C HB3  1 
ATOM   242 H HD1  . PHE C 1 4 ? 7.503  -1.289 1.630  1.00 14.22 ? 4   PHE C HD1  1 
ATOM   243 H HD2  . PHE C 1 4 ? 7.572  -4.882 3.399  1.00 16.29 ? 4   PHE C HD2  1 
ATOM   244 H HE1  . PHE C 1 4 ? 5.894  -2.045 0.133  1.00 15.18 ? 4   PHE C HE1  1 
ATOM   245 H HE2  . PHE C 1 4 ? 5.967  -5.636 1.905  1.00 17.24 ? 4   PHE C HE2  1 
ATOM   246 H HZ   . PHE C 1 4 ? 5.128  -4.224 0.275  1.00 16.86 ? 4   PHE C HZ   1 
HETATM 247 O O    . HOH D 2 . ? -0.646 4.956  -8.366 1.00 20.68 ? 101 HOH A O    1 
HETATM 248 O O    . HOH E 2 . ? -5.464 -8.197 6.440  1.00 15.76 ? 101 HOH B O    1 
HETATM 249 O O    . HOH E 2 . ? -8.125 -7.996 6.786  1.00 31.25 ? 102 HOH B O    1 
HETATM 250 O O    . HOH E 2 . ? -9.996 -6.596 6.392  1.00 35.58 ? 103 HOH B O    1 
HETATM 251 O O    . HOH F 2 . ? 10.553 -4.640 6.058  1.00 32.19 ? 101 HOH C O    1 
HETATM 252 O O    . HOH F 2 . ? 12.736 -6.437 3.485  1.00 26.44 ? 102 HOH C O    1 
HETATM 253 O O    . HOH F 2 . ? 2.772  6.988  -0.632 1.00 19.17 ? 103 HOH C O    1 
HETATM 254 O O    . HOH F 2 . ? 13.941 -2.389 2.106  1.00 17.95 ? 104 HOH C O    1 
HETATM 255 O O    . HOH F 2 . ? 13.195 -5.934 1.260  1.00 25.37 ? 105 HOH C O    1 
HETATM 256 O O    . HOH F 2 . ? 12.973 -9.085 4.085  1.00 32.22 ? 106 HOH C O    1 
# 
loop_
_atom_site_anisotrop.id 
_atom_site_anisotrop.type_symbol 
_atom_site_anisotrop.pdbx_label_atom_id 
_atom_site_anisotrop.pdbx_label_alt_id 
_atom_site_anisotrop.pdbx_label_comp_id 
_atom_site_anisotrop.pdbx_label_asym_id 
_atom_site_anisotrop.pdbx_label_seq_id 
_atom_site_anisotrop.pdbx_PDB_ins_code 
_atom_site_anisotrop.U[1][1] 
_atom_site_anisotrop.U[2][2] 
_atom_site_anisotrop.U[3][3] 
_atom_site_anisotrop.U[1][2] 
_atom_site_anisotrop.U[1][3] 
_atom_site_anisotrop.U[2][3] 
_atom_site_anisotrop.pdbx_auth_seq_id 
_atom_site_anisotrop.pdbx_auth_comp_id 
_atom_site_anisotrop.pdbx_auth_asym_id 
_atom_site_anisotrop.pdbx_auth_atom_id 
1   N N   . PRO A 1 ? 0.1176 0.0917 0.1507 -0.0156 0.0034  -0.0003 1   PRO A N   
2   C CA  . PRO A 1 ? 0.1097 0.0925 0.1367 -0.0116 0.0034  -0.0110 1   PRO A CA  
3   C C   . PRO A 1 ? 0.1129 0.0982 0.1262 -0.0058 0.0050  -0.0094 1   PRO A C   
4   O O   . PRO A 1 ? 0.1122 0.0980 0.1199 -0.0054 0.0073  -0.0029 1   PRO A O   
5   C CB  . PRO A 1 ? 0.1158 0.1111 0.1470 -0.0154 0.0043  -0.0108 1   PRO A CB  
6   C CG  . PRO A 1 ? 0.1283 0.1194 0.1720 -0.0236 0.0048  -0.0051 1   PRO A CG  
7   C CD  . PRO A 1 ? 0.1296 0.1107 0.1680 -0.0235 0.0056  0.0058  1   PRO A CD  
17  N N   . PHE A 2 ? 0.1175 0.1071 0.1259 -0.0032 0.0037  -0.0156 2   PHE A N   
18  C CA  . PHE A 2 ? 0.1079 0.0996 0.1061 0.0003  0.0045  -0.0127 2   PHE A CA  
19  C C   . PHE A 2 ? 0.1127 0.1142 0.1083 0.0004  0.0018  -0.0113 2   PHE A C   
20  O O   . PHE A 2 ? 0.1164 0.1270 0.1104 -0.0025 -0.0011 -0.0156 2   PHE A O   
21  C CB  . PHE A 2 ? 0.1307 0.1224 0.1268 0.0015  0.0050  -0.0176 2   PHE A CB  
22  C CG  . PHE A 2 ? 0.1299 0.1136 0.1304 0.0038  0.0055  -0.0155 2   PHE A CG  
23  C CD1 . PHE A 2 ? 0.1211 0.0976 0.1263 0.0028  0.0043  -0.0086 2   PHE A CD1 
24  C CD2 . PHE A 2 ? 0.1439 0.1311 0.1448 0.0057  0.0066  -0.0190 2   PHE A CD2 
25  C CE1 . PHE A 2 ? 0.1319 0.1040 0.1414 0.0044  0.0020  -0.0033 2   PHE A CE1 
26  C CE2 . PHE A 2 ? 0.1450 0.1279 0.1536 0.0084  0.0050  -0.0163 2   PHE A CE2 
27  C CZ  . PHE A 2 ? 0.1420 0.1168 0.1546 0.0080  0.0017  -0.0074 2   PHE A CZ  
37  N N   A LEU A 3 ? 0.1066 0.1074 0.1038 0.0032  0.0019  -0.0058 3   LEU A N   
38  N N   B LEU A 3 ? 0.1060 0.1068 0.1033 0.0032  0.0019  -0.0057 3   LEU A N   
39  C CA  A LEU A 3 ? 0.1053 0.1129 0.1064 0.0047  -0.0031 -0.0004 3   LEU A CA  
40  C CA  B LEU A 3 ? 0.1069 0.1145 0.1082 0.0047  -0.0031 -0.0003 3   LEU A CA  
41  C C   A LEU A 3 ? 0.1104 0.1118 0.1087 0.0062  -0.0037 0.0057  3   LEU A C   
42  C C   B LEU A 3 ? 0.1107 0.1121 0.1092 0.0062  -0.0038 0.0057  3   LEU A C   
43  O O   A LEU A 3 ? 0.1163 0.1091 0.1174 0.0084  0.0000  0.0034  3   LEU A O   
44  O O   B LEU A 3 ? 0.1134 0.1061 0.1144 0.0084  0.0001  0.0034  3   LEU A O   
45  C CB  A LEU A 3 ? 0.1109 0.1223 0.1272 0.0078  -0.0027 -0.0008 3   LEU A CB  
46  C CB  B LEU A 3 ? 0.1123 0.1234 0.1288 0.0079  -0.0025 -0.0008 3   LEU A CB  
47  C CG  A LEU A 3 ? 0.1317 0.1480 0.1615 0.0121  -0.0094 0.0061  3   LEU A CG  
48  C CG  B LEU A 3 ? 0.1338 0.1515 0.1639 0.0118  -0.0097 0.0058  3   LEU A CG  
49  C CD1 A LEU A 3 ? 0.1436 0.1710 0.1677 0.0085  -0.0184 0.0137  3   LEU A CD1 
50  C CD1 B LEU A 3 ? 0.1487 0.1743 0.1991 0.0155  -0.0075 0.0011  3   LEU A CD1 
51  C CD2 A LEU A 3 ? 0.1519 0.1764 0.2022 0.0159  -0.0076 0.0015  3   LEU A CD2 
52  C CD2 B LEU A 3 ? 0.1355 0.1430 0.1688 0.0152  -0.0118 0.0123  3   LEU A CD2 
75  N N   . PHE A 4 ? 0.1131 0.1210 0.1054 0.0032  -0.0085 0.0131  4   PHE A N   
76  C CA  . PHE A 4 ? 0.1225 0.1244 0.1141 0.0020  -0.0095 0.0218  4   PHE A CA  
77  C C   . PHE A 4 ? 0.1271 0.1399 0.1155 -0.0026 -0.0177 0.0364  4   PHE A C   
78  O O   . PHE A 4 ? 0.1475 0.1579 0.1344 -0.0066 -0.0193 0.0471  4   PHE A O   
79  C CB  . PHE A 4 ? 0.1235 0.1236 0.1056 -0.0008 -0.0035 0.0163  4   PHE A CB  
80  C CG  . PHE A 4 ? 0.1294 0.1430 0.1004 -0.0051 -0.0009 0.0097  4   PHE A CG  
81  C CD1 . PHE A 4 ? 0.1385 0.1519 0.1113 -0.0030 0.0017  -0.0020 4   PHE A CD1 
82  C CD2 . PHE A 4 ? 0.1470 0.1746 0.1081 -0.0118 -0.0004 0.0141  4   PHE A CD2 
83  C CE1 . PHE A 4 ? 0.1450 0.1693 0.1142 -0.0058 0.0045  -0.0126 4   PHE A CE1 
84  C CE2 . PHE A 4 ? 0.1481 0.1921 0.1015 -0.0155 0.0040  0.0024  4   PHE A CE2 
85  C CZ  . PHE A 4 ? 0.1458 0.1868 0.1052 -0.0116 0.0064  -0.0126 4   PHE A CZ  
86  O OXT . PHE A 4 ? 0.1294 0.1547 0.1171 -0.0036 -0.0229 0.0380  4   PHE A OXT 
97  N N   . PRO B 1 ? 0.1241 0.0886 0.1475 0.0117  0.0026  -0.0026 54  PRO B N   
98  C CA  . PRO B 1 ? 0.1156 0.0900 0.1257 0.0107  0.0044  -0.0023 54  PRO B CA  
99  C C   . PRO B 1 ? 0.1037 0.0841 0.1138 0.0116  0.0096  -0.0115 54  PRO B C   
100 O O   . PRO B 1 ? 0.1199 0.1007 0.1333 0.0116  0.0135  -0.0207 54  PRO B O   
101 C CB  . PRO B 1 ? 0.1243 0.0995 0.1209 0.0064  0.0053  -0.0009 54  PRO B CB  
102 C CG  . PRO B 1 ? 0.1438 0.1146 0.1439 0.0037  0.0023  0.0060  54  PRO B CG  
103 C CD  . PRO B 1 ? 0.1403 0.1006 0.1574 0.0063  0.0009  0.0034  54  PRO B CD  
111 N N   . PHE B 2 ? 0.1067 0.0941 0.1134 0.0107  0.0102  -0.0097 55  PHE B N   
112 C CA  . PHE B 2 ? 0.1043 0.0998 0.1085 0.0082  0.0153  -0.0140 55  PHE B CA  
113 C C   . PHE B 2 ? 0.1040 0.0981 0.0991 0.0043  0.0137  -0.0083 55  PHE B C   
114 O O   . PHE B 2 ? 0.1147 0.1090 0.1127 0.0042  0.0108  -0.0063 55  PHE B O   
115 C CB  . PHE B 2 ? 0.1077 0.1134 0.1267 0.0103  0.0173  -0.0174 55  PHE B CB  
116 C CG  . PHE B 2 ? 0.1142 0.1331 0.1312 0.0055  0.0249  -0.0222 55  PHE B CG  
117 C CD1 . PHE B 2 ? 0.1298 0.1526 0.1406 -0.0009 0.0253  -0.0154 55  PHE B CD1 
118 C CD2 . PHE B 2 ? 0.1323 0.1612 0.1542 0.0060  0.0318  -0.0340 55  PHE B CD2 
119 C CE1 . PHE B 2 ? 0.1331 0.1706 0.1405 -0.0082 0.0321  -0.0155 55  PHE B CE1 
120 C CE2 . PHE B 2 ? 0.1396 0.1873 0.1558 -0.0010 0.0401  -0.0380 55  PHE B CE2 
121 C CZ  . PHE B 2 ? 0.1308 0.1832 0.1385 -0.0088 0.0400  -0.0263 55  PHE B CZ  
131 N N   . LEU B 3 ? 0.1115 0.1052 0.0980 0.0012  0.0146  -0.0064 56  LEU B N   
132 C CA  . LEU B 3 ? 0.1120 0.1010 0.0969 -0.0008 0.0113  -0.0005 56  LEU B CA  
133 C C   . LEU B 3 ? 0.1185 0.1124 0.1013 -0.0068 0.0125  0.0063  56  LEU B C   
134 O O   . LEU B 3 ? 0.1277 0.1306 0.1016 -0.0104 0.0147  0.0071  56  LEU B O   
135 C CB  . LEU B 3 ? 0.1269 0.1123 0.1079 0.0007  0.0086  0.0004  56  LEU B CB  
136 C CG  . LEU B 3 ? 0.1404 0.1239 0.1216 0.0033  0.0085  -0.0037 56  LEU B CG  
137 C CD1 . LEU B 3 ? 0.1457 0.1297 0.1265 0.0033  0.0062  -0.0030 56  LEU B CD1 
138 C CD2 . LEU B 3 ? 0.1358 0.1195 0.1205 0.0046  0.0078  -0.0047 56  LEU B CD2 
150 N N   . PHE B 4 ? 0.1225 0.1122 0.1136 -0.0095 0.0106  0.0111  57  PHE B N   
151 C CA  . PHE B 4 ? 0.1277 0.1209 0.1188 -0.0175 0.0104  0.0226  57  PHE B CA  
152 C C   . PHE B 4 ? 0.1276 0.1079 0.1347 -0.0193 0.0052  0.0280  57  PHE B C   
153 O O   . PHE B 4 ? 0.1465 0.1258 0.1585 -0.0271 0.0033  0.0412  57  PHE B O   
154 C CB  . PHE B 4 ? 0.1340 0.1440 0.1221 -0.0236 0.0177  0.0213  57  PHE B CB  
155 C CG  . PHE B 4 ? 0.1272 0.1392 0.1285 -0.0231 0.0197  0.0153  57  PHE B CG  
156 C CD1 . PHE B 4 ? 0.1235 0.1332 0.1299 -0.0153 0.0185  0.0050  57  PHE B CD1 
157 C CD2 . PHE B 4 ? 0.1397 0.1592 0.1489 -0.0324 0.0219  0.0218  57  PHE B CD2 
158 C CE1 . PHE B 4 ? 0.1282 0.1440 0.1470 -0.0155 0.0182  0.0007  57  PHE B CE1 
159 C CE2 . PHE B 4 ? 0.1483 0.1734 0.1718 -0.0328 0.0230  0.0155  57  PHE B CE2 
160 C CZ  . PHE B 4 ? 0.1275 0.1513 0.1555 -0.0240 0.0204  0.0046  57  PHE B CZ  
161 O OXT . PHE B 4 ? 0.1274 0.0991 0.1433 -0.0137 0.0031  0.0185  57  PHE B OXT 
171 N N   . PRO C 1 ? 0.1409 0.1055 0.1570 -0.0218 0.0023  0.0041  1   PRO C N   
172 C CA  . PRO C 1 ? 0.1193 0.1006 0.1244 -0.0208 0.0051  0.0050  1   PRO C CA  
173 C C   . PRO C 1 ? 0.1189 0.1062 0.1203 -0.0170 0.0046  -0.0047 1   PRO C C   
174 O O   . PRO C 1 ? 0.1263 0.1101 0.1299 -0.0184 0.0026  -0.0122 1   PRO C O   
175 C CB  . PRO C 1 ? 0.1436 0.1353 0.1539 -0.0299 0.0066  0.0112  1   PRO C CB  
176 C CG  . PRO C 1 ? 0.1883 0.1669 0.2075 -0.0361 0.0038  0.0220  1   PRO C CG  
177 C CD  . PRO C 1 ? 0.1702 0.1289 0.1979 -0.0304 0.0003  0.0151  1   PRO C CD  
187 N N   . PHE C 2 ? 0.1059 0.1032 0.1032 -0.0129 0.0057  -0.0048 2   PHE C N   
188 C CA  . PHE C 2 ? 0.1054 0.1080 0.1018 -0.0094 0.0027  -0.0084 2   PHE C CA  
189 C C   . PHE C 2 ? 0.0977 0.1133 0.1030 -0.0069 0.0029  -0.0084 2   PHE C C   
190 O O   . PHE C 2 ? 0.0995 0.1176 0.1061 -0.0038 0.0064  -0.0093 2   PHE C O   
191 C CB  . PHE C 2 ? 0.1206 0.1165 0.1094 -0.0048 0.0026  -0.0080 2   PHE C CB  
192 C CG  . PHE C 2 ? 0.1264 0.1276 0.1127 -0.0035 -0.0016 -0.0065 2   PHE C CG  
193 C CD1 . PHE C 2 ? 0.1267 0.1367 0.1121 -0.0074 -0.0064 -0.0077 2   PHE C CD1 
194 C CD2 . PHE C 2 ? 0.1565 0.1551 0.1421 0.0000  -0.0023 -0.0021 2   PHE C CD2 
195 C CE1 . PHE C 2 ? 0.1350 0.1531 0.1167 -0.0076 -0.0126 -0.0015 2   PHE C CE1 
196 C CE2 . PHE C 2 ? 0.1590 0.1621 0.1435 -0.0005 -0.0080 0.0048  2   PHE C CE2 
197 C CZ  . PHE C 2 ? 0.1490 0.1626 0.1303 -0.0042 -0.0134 0.0064  2   PHE C CZ  
207 N N   . LEU C 3 ? 0.0981 0.1240 0.1118 -0.0085 -0.0009 -0.0096 3   LEU C N   
208 C CA  . LEU C 3 ? 0.0954 0.1358 0.1253 -0.0045 -0.0018 -0.0112 3   LEU C CA  
209 C C   . LEU C 3 ? 0.0977 0.1382 0.1323 0.0011  -0.0105 -0.0069 3   LEU C C   
210 O O   . LEU C 3 ? 0.1033 0.1454 0.1303 -0.0027 -0.0168 -0.0036 3   LEU C O   
211 C CB  . LEU C 3 ? 0.0985 0.1547 0.1401 -0.0106 -0.0015 -0.0133 3   LEU C CB  
212 C CG  . LEU C 3 ? 0.1082 0.1848 0.1731 -0.0059 -0.0017 -0.0173 3   LEU C CG  
213 C CD1 . LEU C 3 ? 0.1302 0.2136 0.1997 -0.0031 0.0080  -0.0238 3   LEU C CD1 
214 C CD2 . LEU C 3 ? 0.1200 0.2148 0.1979 -0.0135 -0.0026 -0.0189 3   LEU C CD2 
226 N N   . PHE C 4 ? 0.0972 0.1366 0.1444 0.0088  -0.0112 -0.0067 4   PHE C N   
227 C CA  . PHE C 4 ? 0.1136 0.1503 0.1679 0.0132  -0.0212 0.0025  4   PHE C CA  
228 C C   . PHE C 4 ? 0.1222 0.1616 0.2068 0.0227  -0.0239 0.0005  4   PHE C C   
229 O O   . PHE C 4 ? 0.1295 0.1626 0.2259 0.0271  -0.0334 0.0111  4   PHE C O   
230 C CB  . PHE C 4 ? 0.1227 0.1448 0.1576 0.0109  -0.0213 0.0090  4   PHE C CB  
231 C CG  . PHE C 4 ? 0.1306 0.1407 0.1650 0.0137  -0.0143 0.0039  4   PHE C CG  
232 C CD1 . PHE C 4 ? 0.1393 0.1480 0.1625 0.0109  -0.0057 -0.0040 4   PHE C CD1 
233 C CD2 . PHE C 4 ? 0.1563 0.1569 0.2023 0.0177  -0.0179 0.0087  4   PHE C CD2 
234 C CE1 . PHE C 4 ? 0.1524 0.1543 0.1735 0.0121  -0.0011 -0.0082 4   PHE C CE1 
235 C CE2 . PHE C 4 ? 0.1694 0.1609 0.2155 0.0186  -0.0122 0.0019  4   PHE C CE2 
236 C CZ  . PHE C 4 ? 0.1691 0.1631 0.2014 0.0158  -0.0040 -0.0071 4   PHE C CZ  
237 O OXT . PHE C 4 ? 0.1182 0.1674 0.2178 0.0256  -0.0166 -0.0120 4   PHE C OXT 
247 O O   . HOH D . ? 0.2627 0.3005 0.2227 -0.0265 -0.0210 0.0689  101 HOH A O   
248 O O   . HOH E . ? 0.1974 0.1964 0.2052 -0.0506 0.0070  0.0695  101 HOH B O   
249 O O   . HOH E . ? 0.3805 0.4142 0.3927 -0.0661 0.0234  0.0642  102 HOH B O   
250 O O   . HOH E . ? 0.4218 0.4885 0.4417 -0.0627 0.0382  0.0382  103 HOH B O   
251 O O   . HOH F . ? 0.3700 0.4095 0.4433 0.0173  -0.0546 0.0427  101 HOH C O   
252 O O   . HOH F . ? 0.2623 0.3096 0.4328 0.0454  -0.0492 0.0134  102 HOH C O   
253 O O   . HOH F . ? 0.2526 0.2070 0.2688 -0.0092 0.0006  0.0082  103 HOH C O   
254 O O   . HOH F . ? 0.1570 0.2462 0.2788 0.0200  -0.0214 -0.0140 104 HOH C O   
255 O O   . HOH F . ? 0.2402 0.3043 0.4197 0.0470  -0.0250 -0.0224 105 HOH C O   
256 O O   . HOH F . ? 0.3272 0.3500 0.5470 0.0571  -0.0656 0.0296  106 HOH C O   
# 
